data_9K07
#
_entry.id   9K07
#
_cell.length_a   1.00
_cell.length_b   1.00
_cell.length_c   1.00
_cell.angle_alpha   90.00
_cell.angle_beta   90.00
_cell.angle_gamma   90.00
#
_symmetry.space_group_name_H-M   'P 1'
#
loop_
_entity.id
_entity.type
_entity.pdbx_description
1 polymer 'Bombesin receptor subtype-3,Oplophorus-luciferin 2-monooxygenase catalytic subunit'
2 polymer 'Guanine nucleotide-binding protein G(i) subunit alpha-2,Guanine nucleotide-binding protein G(s) subunit alpha isoforms short'
3 polymer scFv16
4 polymer 'Guanine nucleotide-binding protein G(I)/G(S)/G(T) subunit beta-1'
5 polymer 'Guanine nucleotide-binding protein G(I)/G(S)/G(O) subunit gamma-2'
6 polymer Nanobody-35
7 non-polymer '[(1~{S})-1-[1,4-dimethoxy-8-nitroso-5-(oxidanylamino)naphthalen-2-yl]-2,2-dimethyl-but-3-enyl] furan-2-carboxylate'
#
loop_
_entity_poly.entity_id
_entity_poly.type
_entity_poly.pdbx_seq_one_letter_code
_entity_poly.pdbx_strand_id
1 'polypeptide(L)'
;MKTIIALSYIFCLVFAMAQRQPHSPNQTLISITNDTESSSSVVSNDNTNKGWSGDNSPGIEALCAIYITYAVIISVGILG
NAILIKVFFKTKSMQTVPNIFITSLAFGDLLLLLTCVPVDATHYLAEGWLFGRIGCKVLSFIRLTSVGVSVFTLTILSAD
RYKAVVKPLERQPSNAILKTCVKAGCVWIVSMIFALPEAIFSNVYTFRDPNKNMTFESCTSYPVSKKLLQEIHSLLCFLV
FYIIPLSIISVYYSLIARTLYKSTLNIPTEEQSHARKQIESRKRIARTVLVLVALFALCWLPNHLLYLYHSFTSQTYVDP
SAMHFIFTIFSRVLAFSNSCVNPFALYWLSKSFQKHFKAQLFCCKAERPEPPVADTSLTTLAVMGTVPGTGSIQMSEISV
TSFTGCSVKQAEDRFGSSGGGGSGGGGSSGVFTLEDFVGDWEQTAAYNLDQVLEQGGVSSLLQNLAVSVTPIQRIVRSGE
NALKIDIHVIIPYEGLSADQMAQIEEVFKVVYPVDDHHFKVILPYGTLVIDGVTPNMLNYFGRPYEGIAVFDGKKITVTG
TLWNGNKIIDERLITPDGSMLFRVTINSGGSENLYFQGGSAGSAHHHHHHHH
;
R
2 'polypeptide(L)'
;MGSTVSAEDKAAAERSKMIDKNLREDGEKARRTLRLLLLGADNSGKSTIVKQMRILHGGSGGSGGTSGIFETKFQVDKVN
FHMFDVGGQRDERRKWIQCFNDVTAIIFVVDSSDYNRLQEALNDFKSIWNNRWLRTISVILFLNKQDLLAEKVLAGKSKI
EDYFPEFARYTTPEDATPEPGEDPRVTRAKYFIRKEFVDISTASGDGRHICYPHFTCAVDTENARRIFNDCKDIILQMNL
REYNLV
;
A
3 'polypeptide(L)'
;DVQLVESGGGLVQPGGSRKLSCSASGFAFSSFGMHWVRQAPEKGLEWVAYISSGSGTIYYADTVKGRFTISRDDPKNTLF
LQMTSLRSEDTAMYYCVRSIYYYGSSPFDFWGQGTTLTVSSGGGGSGGGGSGGGGSDIVMTQATSSVPVTPGESVSISCR
SSKSLLHSNGNTYLYWFLQRPGQSPQLLIYRMSNLASGVPDRFSGSGSGTAFTLTISRLEAEDVGVYYCMQHLEYPLTFG
AGTKLELKAAALEVLFQGPHHHHHHHH
;
E
4 'polypeptide(L)'
;MGSLLQSELDQLRQEAEQLKNQIRDARKACADATLSQITNNIDPVGRIQMRTRRTLRGHLAKIYAMHWGTDSRLLVSASQ
DGKLIIWDSYTTNKVHAIPLRSSWVMTCAYAPSGNYVACGGLDNICSIYNLKTREGNVRVSRELAGHTGYLSCCRFLDDN
QIVTSSGDTTCALWDIETGQQTTTFTGHTGDVMSLSLAPDTRLFVSGACDASAKLWDVREGMCRQTFTGHESDINAICFF
PNGNAFATGSDDATCRLFDLRADQELMTYSHDNIICGITSVSFSKSGRLLLAGYDDFNCNVWDALKADRAGVLAGHDNRV
SCLGVTDDGMAVATGSWDSFLKIWN
;
B
5 'polypeptide(L)' ASNNTASIAQARKLVEQLKMEANIDRIKVSKAAADLMAYCEAHAKEDPLLTPVPASENPFREKKFFCAIL G
6 'polypeptide(L)'
;MAQVQLQESGGGLVQPGGSLRLSCAASGFTFSNYKMNWVRQAPGKGLEWVSDISQSGASISYTGSVKGRFTISRDNAKNT
LYLQMNSLKPEDTAVYYCARCPAPFTRDCFDVTSTTYAYRGQGTQVTVSSHHHHHHEPEA
;
N
#
loop_
_chem_comp.id
_chem_comp.type
_chem_comp.name
_chem_comp.formula
A1EL6 non-polymer '[(1~{S})-1-[1,4-dimethoxy-8-nitroso-5-(oxidanylamino)naphthalen-2-yl]-2,2-dimethyl-but-3-enyl] furan-2-carboxylate' 'C23 H24 N2 O7'
#
# COMPACT_ATOMS: atom_id res chain seq x y z
N CYS A 64 -10.44 -9.55 61.32
CA CYS A 64 -10.28 -8.79 60.08
C CYS A 64 -9.20 -9.41 59.19
N ALA A 65 -9.15 -10.74 59.14
CA ALA A 65 -8.16 -11.45 58.33
C ALA A 65 -8.58 -11.60 56.87
N ILE A 66 -9.78 -11.13 56.50
CA ILE A 66 -10.24 -11.24 55.13
C ILE A 66 -10.00 -9.98 54.32
N TYR A 67 -9.83 -8.82 54.98
CA TYR A 67 -9.63 -7.57 54.27
C TYR A 67 -8.33 -7.57 53.48
N ILE A 68 -7.33 -8.35 53.90
CA ILE A 68 -6.08 -8.44 53.16
C ILE A 68 -6.33 -9.01 51.77
N THR A 69 -7.13 -10.08 51.70
CA THR A 69 -7.48 -10.66 50.40
C THR A 69 -8.24 -9.65 49.54
N TYR A 70 -9.16 -8.91 50.15
CA TYR A 70 -9.90 -7.88 49.43
C TYR A 70 -8.95 -6.86 48.80
N ALA A 71 -8.02 -6.33 49.60
CA ALA A 71 -7.09 -5.33 49.10
C ALA A 71 -6.19 -5.91 48.01
N VAL A 72 -5.72 -7.14 48.21
CA VAL A 72 -4.84 -7.76 47.21
C VAL A 72 -5.58 -7.93 45.88
N ILE A 73 -6.83 -8.42 45.93
CA ILE A 73 -7.59 -8.63 44.70
C ILE A 73 -7.85 -7.31 44.00
N ILE A 74 -8.25 -6.28 44.76
CA ILE A 74 -8.52 -4.98 44.14
C ILE A 74 -7.26 -4.42 43.51
N SER A 75 -6.12 -4.50 44.21
CA SER A 75 -4.88 -3.97 43.68
C SER A 75 -4.47 -4.71 42.42
N VAL A 76 -4.58 -6.04 42.43
CA VAL A 76 -4.18 -6.83 41.27
C VAL A 76 -5.04 -6.48 40.06
N GLY A 77 -6.36 -6.38 40.26
CA GLY A 77 -7.22 -6.02 39.15
C GLY A 77 -6.96 -4.62 38.62
N ILE A 78 -6.75 -3.66 39.52
CA ILE A 78 -6.49 -2.29 39.10
C ILE A 78 -5.19 -2.23 38.30
N LEU A 79 -4.14 -2.88 38.78
CA LEU A 79 -2.86 -2.83 38.07
C LEU A 79 -2.95 -3.55 36.74
N GLY A 80 -3.68 -4.67 36.67
CA GLY A 80 -3.84 -5.36 35.41
C GLY A 80 -4.56 -4.52 34.36
N ASN A 81 -5.65 -3.87 34.76
CA ASN A 81 -6.37 -3.02 33.81
C ASN A 81 -5.54 -1.80 33.43
N ALA A 82 -4.79 -1.24 34.39
CA ALA A 82 -3.93 -0.10 34.08
C ALA A 82 -2.86 -0.47 33.08
N ILE A 83 -2.18 -1.60 33.29
CA ILE A 83 -1.13 -2.00 32.35
C ILE A 83 -1.73 -2.33 30.99
N LEU A 84 -2.93 -2.92 30.97
CA LEU A 84 -3.58 -3.21 29.69
C LEU A 84 -3.86 -1.93 28.91
N ILE A 85 -4.45 -0.92 29.57
CA ILE A 85 -4.79 0.31 28.85
C ILE A 85 -3.53 1.07 28.47
N LYS A 86 -2.48 1.02 29.30
CA LYS A 86 -1.23 1.65 28.93
C LYS A 86 -0.59 0.97 27.74
N VAL A 87 -0.67 -0.35 27.66
CA VAL A 87 -0.16 -1.06 26.49
C VAL A 87 -0.94 -0.66 25.24
N PHE A 88 -2.27 -0.53 25.37
CA PHE A 88 -3.07 -0.06 24.24
C PHE A 88 -2.61 1.32 23.77
N PHE A 89 -2.53 2.28 24.70
CA PHE A 89 -2.34 3.67 24.34
C PHE A 89 -0.88 4.05 24.12
N LYS A 90 0.06 3.16 24.41
CA LYS A 90 1.48 3.44 24.23
C LYS A 90 2.10 2.68 23.07
N THR A 91 1.76 1.40 22.91
CA THR A 91 2.36 0.57 21.88
C THR A 91 1.53 0.64 20.61
N LYS A 92 2.20 0.85 19.47
CA LYS A 92 1.51 0.92 18.19
C LYS A 92 1.06 -0.46 17.72
N SER A 93 1.89 -1.47 17.95
CA SER A 93 1.58 -2.82 17.48
C SER A 93 0.31 -3.37 18.13
N MET A 94 0.18 -3.15 19.44
CA MET A 94 -1.00 -3.64 20.17
C MET A 94 -2.11 -2.59 20.15
N GLN A 95 -2.57 -2.26 18.95
CA GLN A 95 -3.67 -1.31 18.78
C GLN A 95 -4.34 -1.60 17.44
N THR A 96 -5.47 -2.29 17.48
CA THR A 96 -6.23 -2.63 16.28
C THR A 96 -7.66 -2.98 16.69
N VAL A 97 -8.42 -3.52 15.75
CA VAL A 97 -9.85 -3.74 15.99
C VAL A 97 -10.11 -4.70 17.14
N PRO A 98 -9.47 -5.87 17.23
CA PRO A 98 -9.76 -6.76 18.37
C PRO A 98 -9.45 -6.15 19.73
N ASN A 99 -8.43 -5.31 19.85
CA ASN A 99 -8.06 -4.74 21.14
C ASN A 99 -9.08 -3.73 21.66
N ILE A 100 -9.99 -3.26 20.80
CA ILE A 100 -10.98 -2.27 21.22
C ILE A 100 -11.88 -2.84 22.31
N PHE A 101 -12.39 -4.06 22.10
CA PHE A 101 -13.24 -4.67 23.11
C PHE A 101 -12.46 -5.04 24.36
N ILE A 102 -11.20 -5.43 24.20
CA ILE A 102 -10.36 -5.73 25.35
C ILE A 102 -10.23 -4.50 26.25
N THR A 103 -9.95 -3.35 25.64
CA THR A 103 -9.75 -2.14 26.44
C THR A 103 -11.07 -1.55 26.94
N SER A 104 -12.17 -1.73 26.20
CA SER A 104 -13.47 -1.38 26.75
C SER A 104 -13.76 -2.20 28.01
N LEU A 105 -13.45 -3.50 27.96
CA LEU A 105 -13.59 -4.33 29.15
C LEU A 105 -12.67 -3.87 30.28
N ALA A 106 -11.45 -3.44 29.94
CA ALA A 106 -10.55 -2.93 30.96
C ALA A 106 -11.09 -1.67 31.62
N PHE A 107 -11.68 -0.76 30.83
CA PHE A 107 -12.31 0.43 31.39
C PHE A 107 -13.47 0.05 32.31
N GLY A 108 -14.32 -0.89 31.86
CA GLY A 108 -15.42 -1.33 32.70
C GLY A 108 -14.93 -1.95 34.00
N ASP A 109 -13.85 -2.72 33.92
CA ASP A 109 -13.28 -3.34 35.11
C ASP A 109 -12.73 -2.29 36.07
N LEU A 110 -12.05 -1.27 35.55
CA LEU A 110 -11.57 -0.19 36.41
C LEU A 110 -12.74 0.49 37.11
N LEU A 111 -13.79 0.80 36.36
CA LEU A 111 -14.95 1.44 36.96
C LEU A 111 -15.58 0.56 38.04
N LEU A 112 -15.71 -0.74 37.76
CA LEU A 112 -16.31 -1.64 38.74
C LEU A 112 -15.47 -1.73 40.01
N LEU A 113 -14.16 -1.86 39.87
CA LEU A 113 -13.31 -1.96 41.05
C LEU A 113 -13.32 -0.67 41.87
N LEU A 114 -13.25 0.47 41.19
CA LEU A 114 -13.21 1.75 41.89
C LEU A 114 -14.56 2.19 42.43
N THR A 115 -15.65 1.58 41.95
CA THR A 115 -16.96 1.79 42.55
C THR A 115 -17.34 0.69 43.54
N CYS A 116 -16.53 -0.35 43.65
CA CYS A 116 -16.74 -1.37 44.68
C CYS A 116 -15.89 -1.12 45.92
N VAL A 117 -14.71 -0.52 45.75
CA VAL A 117 -13.89 -0.17 46.94
C VAL A 117 -14.58 0.79 47.89
N PRO A 118 -15.34 1.81 47.44
CA PRO A 118 -15.95 2.71 48.44
C PRO A 118 -16.92 2.03 49.38
N VAL A 119 -17.57 0.95 48.94
CA VAL A 119 -18.46 0.21 49.82
C VAL A 119 -17.68 -0.39 50.99
N ASP A 120 -16.52 -0.99 50.70
CA ASP A 120 -15.66 -1.48 51.77
C ASP A 120 -15.17 -0.33 52.64
N ALA A 121 -14.80 0.80 52.02
CA ALA A 121 -14.28 1.92 52.78
C ALA A 121 -15.30 2.46 53.77
N THR A 122 -16.55 2.63 53.33
CA THR A 122 -17.56 3.21 54.19
C THR A 122 -18.21 2.16 55.09
N HIS A 123 -18.91 1.19 54.51
CA HIS A 123 -19.77 0.29 55.26
C HIS A 123 -18.98 -0.96 55.69
N TYR A 124 -18.02 -0.72 56.59
CA TYR A 124 -17.27 -1.81 57.20
C TYR A 124 -17.46 -1.86 58.71
N LEU A 125 -17.20 -0.78 59.43
CA LEU A 125 -17.28 -0.78 60.88
C LEU A 125 -17.65 0.63 61.35
N ALA A 126 -18.85 0.77 61.92
CA ALA A 126 -19.29 2.00 62.60
C ALA A 126 -19.16 3.23 61.70
N GLU A 127 -19.49 3.06 60.42
CA GLU A 127 -19.51 4.18 59.46
C GLU A 127 -20.71 3.96 58.55
N GLY A 128 -21.83 4.62 58.87
CA GLY A 128 -23.05 4.43 58.12
C GLY A 128 -22.99 4.93 56.69
N TRP A 129 -22.89 6.25 56.52
CA TRP A 129 -22.82 6.86 55.20
C TRP A 129 -21.89 8.06 55.26
N LEU A 130 -21.05 8.19 54.23
CA LEU A 130 -20.09 9.28 54.12
C LEU A 130 -20.46 10.27 53.02
N PHE A 131 -20.77 9.77 51.82
CA PHE A 131 -21.12 10.63 50.71
C PHE A 131 -22.57 11.10 50.83
N GLY A 132 -22.92 12.08 50.01
CA GLY A 132 -24.28 12.58 49.99
C GLY A 132 -25.22 11.60 49.32
N ARG A 133 -26.52 11.90 49.43
CA ARG A 133 -27.54 11.04 48.84
C ARG A 133 -27.37 10.98 47.32
N ILE A 134 -27.15 12.13 46.68
CA ILE A 134 -26.86 12.13 45.25
C ILE A 134 -25.56 11.39 44.97
N GLY A 135 -24.58 11.51 45.88
CA GLY A 135 -23.34 10.78 45.72
C GLY A 135 -23.55 9.28 45.77
N CYS A 136 -24.28 8.85 46.78
CA CYS A 136 -24.58 7.42 46.94
C CYS A 136 -25.77 7.07 46.06
N LYS A 137 -25.98 7.83 44.99
CA LYS A 137 -27.05 7.43 44.01
C LYS A 137 -26.32 7.34 42.67
N VAL A 138 -25.35 8.21 42.47
CA VAL A 138 -24.48 8.20 41.28
C VAL A 138 -23.45 7.08 41.39
N LEU A 139 -22.93 6.82 42.60
CA LEU A 139 -21.96 5.74 42.76
C LEU A 139 -22.58 4.39 42.49
N SER A 140 -23.80 4.15 42.98
CA SER A 140 -24.48 2.89 42.70
C SER A 140 -24.80 2.76 41.22
N PHE A 141 -25.22 3.86 40.58
CA PHE A 141 -25.48 3.82 39.14
C PHE A 141 -24.23 3.47 38.36
N ILE A 142 -23.09 4.06 38.72
CA ILE A 142 -21.85 3.77 38.02
C ILE A 142 -21.42 2.34 38.24
N ARG A 143 -21.61 1.81 39.47
CA ARG A 143 -21.28 0.42 39.72
C ARG A 143 -22.13 -0.51 38.86
N LEU A 144 -23.44 -0.26 38.79
CA LEU A 144 -24.31 -1.12 38.00
C LEU A 144 -23.97 -1.03 36.51
N THR A 145 -23.69 0.17 36.00
CA THR A 145 -23.35 0.28 34.59
C THR A 145 -22.00 -0.34 34.28
N SER A 146 -21.06 -0.31 35.23
CA SER A 146 -19.77 -0.98 35.02
C SER A 146 -19.96 -2.50 34.99
N VAL A 147 -20.78 -3.03 35.90
CA VAL A 147 -21.09 -4.46 35.88
C VAL A 147 -21.71 -4.85 34.55
N GLY A 148 -22.70 -4.07 34.11
CA GLY A 148 -23.37 -4.38 32.85
C GLY A 148 -22.44 -4.32 31.66
N VAL A 149 -21.61 -3.28 31.59
CA VAL A 149 -20.73 -3.14 30.44
C VAL A 149 -19.67 -4.23 30.43
N SER A 150 -19.15 -4.61 31.60
CA SER A 150 -18.16 -5.67 31.66
C SER A 150 -18.75 -7.01 31.23
N VAL A 151 -19.93 -7.35 31.74
CA VAL A 151 -20.54 -8.63 31.37
C VAL A 151 -20.92 -8.64 29.89
N PHE A 152 -21.48 -7.54 29.39
CA PHE A 152 -21.93 -7.51 28.00
C PHE A 152 -20.75 -7.50 27.04
N THR A 153 -19.66 -6.81 27.40
CA THR A 153 -18.48 -6.86 26.55
C THR A 153 -17.82 -8.22 26.60
N LEU A 154 -17.94 -8.94 27.71
CA LEU A 154 -17.51 -10.34 27.73
C LEU A 154 -18.30 -11.17 26.72
N THR A 155 -19.63 -11.00 26.72
CA THR A 155 -20.46 -11.76 25.78
C THR A 155 -20.12 -11.41 24.32
N ILE A 156 -19.98 -10.12 24.02
CA ILE A 156 -19.68 -9.70 22.66
C ILE A 156 -18.28 -10.13 22.25
N LEU A 157 -17.31 -10.10 23.18
CA LEU A 157 -15.98 -10.59 22.89
C LEU A 157 -15.98 -12.08 22.60
N SER A 158 -16.78 -12.83 23.36
CA SER A 158 -16.95 -14.26 23.09
C SER A 158 -17.46 -14.47 21.68
N ALA A 159 -18.49 -13.72 21.28
CA ALA A 159 -19.04 -13.86 19.94
C ALA A 159 -18.01 -13.51 18.87
N ASP A 160 -17.24 -12.45 19.11
CA ASP A 160 -16.30 -11.97 18.10
C ASP A 160 -15.16 -12.98 17.95
N ARG A 161 -14.68 -13.53 19.07
CA ARG A 161 -13.67 -14.57 19.01
C ARG A 161 -14.20 -15.83 18.32
N TYR A 162 -15.46 -16.19 18.57
CA TYR A 162 -16.04 -17.33 17.88
C TYR A 162 -16.04 -17.11 16.38
N LYS A 163 -16.42 -15.91 15.94
CA LYS A 163 -16.38 -15.62 14.52
C LYS A 163 -14.95 -15.71 13.99
N ALA A 164 -13.98 -15.22 14.75
CA ALA A 164 -12.60 -15.26 14.29
C ALA A 164 -12.09 -16.69 14.15
N VAL A 165 -12.44 -17.57 15.08
CA VAL A 165 -11.86 -18.91 15.11
C VAL A 165 -12.67 -19.87 14.23
N VAL A 166 -13.94 -20.06 14.55
CA VAL A 166 -14.75 -21.08 13.89
C VAL A 166 -15.10 -20.72 12.45
N LYS A 167 -15.13 -19.43 12.12
CA LYS A 167 -15.40 -18.97 10.76
C LYS A 167 -14.26 -18.07 10.32
N PRO A 168 -13.10 -18.65 10.03
CA PRO A 168 -11.90 -17.84 9.79
C PRO A 168 -11.85 -17.21 8.40
N LEU A 169 -12.41 -17.91 7.40
CA LEU A 169 -12.36 -17.40 6.04
C LEU A 169 -13.22 -16.17 5.85
N GLU A 170 -14.20 -15.94 6.74
CA GLU A 170 -15.07 -14.76 6.65
C GLU A 170 -14.36 -13.57 7.30
N ARG A 171 -13.29 -13.13 6.62
CA ARG A 171 -12.55 -11.96 7.08
C ARG A 171 -13.41 -10.71 6.95
N GLN A 172 -13.08 -9.71 7.77
CA GLN A 172 -13.87 -8.49 7.79
C GLN A 172 -13.08 -7.27 8.24
N PRO A 173 -12.36 -7.30 9.38
CA PRO A 173 -11.81 -6.04 9.91
C PRO A 173 -10.65 -5.50 9.08
N SER A 174 -10.95 -4.48 8.29
CA SER A 174 -9.97 -3.66 7.60
C SER A 174 -10.20 -2.17 7.84
N ASN A 175 -11.47 -1.74 7.91
CA ASN A 175 -11.80 -0.38 8.30
C ASN A 175 -13.03 -0.36 9.23
N ALA A 176 -13.30 -1.47 9.91
CA ALA A 176 -14.45 -1.60 10.81
C ALA A 176 -14.18 -1.03 12.19
N ILE A 177 -13.18 -0.16 12.33
CA ILE A 177 -12.89 0.45 13.63
C ILE A 177 -14.10 1.25 14.13
N LEU A 178 -14.74 1.99 13.22
CA LEU A 178 -15.94 2.74 13.60
C LEU A 178 -17.07 1.81 14.02
N LYS A 179 -17.23 0.68 13.34
CA LYS A 179 -18.31 -0.24 13.67
C LYS A 179 -18.13 -0.82 15.07
N THR A 180 -16.91 -1.25 15.39
CA THR A 180 -16.66 -1.79 16.72
C THR A 180 -16.73 -0.70 17.78
N CYS A 181 -16.29 0.52 17.46
CA CYS A 181 -16.40 1.62 18.41
C CYS A 181 -17.86 1.92 18.72
N VAL A 182 -18.71 1.97 17.70
CA VAL A 182 -20.12 2.25 17.95
C VAL A 182 -20.80 1.08 18.64
N LYS A 183 -20.34 -0.15 18.40
CA LYS A 183 -20.90 -1.29 19.13
C LYS A 183 -20.52 -1.21 20.61
N ALA A 184 -19.28 -0.84 20.92
CA ALA A 184 -18.87 -0.65 22.31
C ALA A 184 -19.67 0.49 22.96
N GLY A 185 -19.88 1.58 22.23
CA GLY A 185 -20.71 2.65 22.73
C GLY A 185 -22.13 2.21 23.01
N CYS A 186 -22.69 1.38 22.12
CA CYS A 186 -24.03 0.85 22.34
C CYS A 186 -24.08 -0.05 23.56
N VAL A 187 -23.01 -0.82 23.80
CA VAL A 187 -22.93 -1.64 25.00
C VAL A 187 -22.94 -0.75 26.25
N TRP A 188 -22.15 0.33 26.22
CA TRP A 188 -22.16 1.26 27.35
C TRP A 188 -23.54 1.86 27.56
N ILE A 189 -24.20 2.28 26.47
CA ILE A 189 -25.51 2.92 26.57
C ILE A 189 -26.54 1.94 27.13
N VAL A 190 -26.54 0.70 26.64
CA VAL A 190 -27.51 -0.27 27.12
C VAL A 190 -27.23 -0.64 28.58
N SER A 191 -25.96 -0.63 29.00
CA SER A 191 -25.67 -0.84 30.41
C SER A 191 -26.23 0.31 31.26
N MET A 192 -26.08 1.55 30.77
CA MET A 192 -26.67 2.69 31.48
C MET A 192 -28.18 2.57 31.56
N ILE A 193 -28.82 2.14 30.47
CA ILE A 193 -30.28 1.99 30.46
C ILE A 193 -30.71 0.92 31.44
N PHE A 194 -29.99 -0.21 31.48
CA PHE A 194 -30.31 -1.27 32.42
C PHE A 194 -30.02 -0.86 33.87
N ALA A 195 -29.12 0.09 34.08
CA ALA A 195 -28.88 0.65 35.40
C ALA A 195 -29.81 1.81 35.73
N LEU A 196 -30.63 2.25 34.77
CA LEU A 196 -31.57 3.34 35.04
C LEU A 196 -32.55 3.04 36.17
N PRO A 197 -33.14 1.83 36.30
CA PRO A 197 -34.05 1.57 37.43
C PRO A 197 -33.45 1.87 38.79
N GLU A 198 -32.12 2.00 38.86
CA GLU A 198 -31.46 2.43 40.09
C GLU A 198 -31.16 3.92 39.98
N ALA A 199 -32.22 4.72 40.14
CA ALA A 199 -32.10 6.18 40.18
C ALA A 199 -32.92 6.75 41.33
N ILE A 200 -33.04 5.99 42.42
CA ILE A 200 -33.89 6.36 43.55
C ILE A 200 -33.06 6.59 44.81
N PHE A 201 -32.31 5.58 45.25
CA PHE A 201 -31.58 5.67 46.50
C PHE A 201 -30.46 4.64 46.54
N THR A 220 -29.42 2.51 49.77
CA THR A 220 -29.97 1.27 49.25
C THR A 220 -31.20 1.57 48.41
N SER A 221 -31.28 0.92 47.25
CA SER A 221 -32.41 1.13 46.35
C SER A 221 -33.68 0.56 46.93
N TYR A 222 -34.81 1.24 46.67
CA TYR A 222 -36.14 0.84 47.10
C TYR A 222 -36.18 0.59 48.61
N PRO A 223 -36.13 1.64 49.42
CA PRO A 223 -36.04 1.45 50.88
C PRO A 223 -37.19 0.67 51.47
N VAL A 224 -38.42 1.14 51.27
CA VAL A 224 -39.60 0.51 51.83
C VAL A 224 -40.61 0.25 50.70
N SER A 225 -41.62 -0.54 51.02
CA SER A 225 -42.65 -0.95 50.06
C SER A 225 -42.03 -1.57 48.82
N LYS A 226 -41.09 -2.50 49.06
CA LYS A 226 -40.40 -3.21 47.99
C LYS A 226 -40.53 -4.71 48.26
N LYS A 227 -41.63 -5.29 47.79
CA LYS A 227 -41.86 -6.73 47.92
C LYS A 227 -42.20 -7.34 46.57
N LEU A 228 -42.82 -6.55 45.70
CA LEU A 228 -43.11 -6.95 44.33
C LEU A 228 -42.17 -6.29 43.33
N LEU A 229 -41.99 -4.97 43.43
CA LEU A 229 -41.03 -4.30 42.56
C LEU A 229 -39.62 -4.80 42.82
N GLN A 230 -39.26 -4.99 44.09
CA GLN A 230 -37.96 -5.55 44.42
C GLN A 230 -37.81 -6.97 43.85
N GLU A 231 -38.86 -7.78 43.95
CA GLU A 231 -38.79 -9.15 43.45
C GLU A 231 -38.63 -9.19 41.93
N ILE A 232 -39.41 -8.40 41.21
CA ILE A 232 -39.31 -8.42 39.75
C ILE A 232 -37.98 -7.84 39.30
N HIS A 233 -37.49 -6.80 40.00
CA HIS A 233 -36.17 -6.27 39.69
C HIS A 233 -35.09 -7.32 39.91
N SER A 234 -35.18 -8.08 41.00
CA SER A 234 -34.20 -9.12 41.27
C SER A 234 -34.23 -10.19 40.19
N LEU A 235 -35.42 -10.62 39.80
CA LEU A 235 -35.53 -11.66 38.77
C LEU A 235 -34.96 -11.19 37.45
N LEU A 236 -35.37 -10.00 37.00
CA LEU A 236 -34.87 -9.51 35.72
C LEU A 236 -33.36 -9.26 35.77
N CYS A 237 -32.85 -8.75 36.88
CA CYS A 237 -31.42 -8.51 36.99
C CYS A 237 -30.65 -9.82 36.96
N PHE A 238 -31.11 -10.83 37.70
CA PHE A 238 -30.45 -12.13 37.69
C PHE A 238 -30.42 -12.71 36.29
N LEU A 239 -31.58 -12.72 35.61
CA LEU A 239 -31.62 -13.20 34.24
C LEU A 239 -30.63 -12.46 33.37
N VAL A 240 -30.84 -11.15 33.20
CA VAL A 240 -30.08 -10.36 32.23
C VAL A 240 -28.59 -10.38 32.51
N PHE A 241 -28.18 -10.46 33.78
CA PHE A 241 -26.77 -10.34 34.11
C PHE A 241 -26.06 -11.66 34.38
N TYR A 242 -26.78 -12.78 34.50
CA TYR A 242 -26.09 -14.04 34.76
C TYR A 242 -26.55 -15.22 33.92
N ILE A 243 -27.76 -15.21 33.35
CA ILE A 243 -28.22 -16.41 32.65
C ILE A 243 -27.95 -16.25 31.16
N ILE A 244 -28.48 -15.17 30.57
CA ILE A 244 -28.25 -14.93 29.14
C ILE A 244 -26.77 -14.78 28.82
N PRO A 245 -25.99 -13.95 29.53
CA PRO A 245 -24.57 -13.82 29.16
C PRO A 245 -23.78 -15.08 29.41
N LEU A 246 -24.03 -15.78 30.52
CA LEU A 246 -23.32 -17.03 30.76
C LEU A 246 -23.66 -18.06 29.69
N SER A 247 -24.94 -18.15 29.31
CA SER A 247 -25.33 -19.07 28.26
C SER A 247 -24.62 -18.77 26.95
N ILE A 248 -24.60 -17.49 26.55
CA ILE A 248 -23.98 -17.13 25.28
C ILE A 248 -22.48 -17.40 25.32
N ILE A 249 -21.81 -16.95 26.38
CA ILE A 249 -20.36 -17.14 26.46
C ILE A 249 -20.01 -18.63 26.52
N SER A 250 -20.80 -19.42 27.25
CA SER A 250 -20.55 -20.85 27.35
C SER A 250 -20.74 -21.54 26.00
N VAL A 251 -21.80 -21.21 25.27
CA VAL A 251 -22.04 -21.90 24.01
C VAL A 251 -21.00 -21.51 22.97
N TYR A 252 -20.67 -20.22 22.87
CA TYR A 252 -19.67 -19.79 21.91
C TYR A 252 -18.30 -20.36 22.25
N TYR A 253 -17.95 -20.42 23.53
CA TYR A 253 -16.64 -20.92 23.92
C TYR A 253 -16.56 -22.44 23.82
N SER A 254 -17.67 -23.14 24.03
CA SER A 254 -17.69 -24.57 23.76
C SER A 254 -17.51 -24.86 22.28
N LEU A 255 -18.16 -24.06 21.42
CA LEU A 255 -17.95 -24.21 19.98
C LEU A 255 -16.51 -23.93 19.61
N ILE A 256 -15.90 -22.90 20.21
CA ILE A 256 -14.49 -22.61 19.96
C ILE A 256 -13.62 -23.78 20.36
N ALA A 257 -13.89 -24.37 21.53
CA ALA A 257 -13.10 -25.50 22.00
C ALA A 257 -13.22 -26.69 21.06
N ARG A 258 -14.44 -27.02 20.63
CA ARG A 258 -14.63 -28.13 19.72
C ARG A 258 -13.92 -27.89 18.39
N THR A 259 -14.02 -26.66 17.86
CA THR A 259 -13.37 -26.35 16.60
C THR A 259 -11.85 -26.46 16.72
N LEU A 260 -11.27 -25.95 17.81
CA LEU A 260 -9.83 -26.01 17.97
C LEU A 260 -9.35 -27.44 18.16
N TYR A 261 -10.09 -28.25 18.93
CA TYR A 261 -9.71 -29.64 19.09
C TYR A 261 -9.77 -30.39 17.76
N LYS A 262 -10.80 -30.14 16.95
CA LYS A 262 -10.89 -30.81 15.67
C LYS A 262 -9.84 -30.30 14.68
N SER A 263 -9.43 -29.03 14.80
CA SER A 263 -8.41 -28.48 13.92
C SER A 263 -7.01 -28.89 14.31
N THR A 264 -6.81 -29.31 15.56
CA THR A 264 -5.50 -29.85 15.95
C THR A 264 -5.06 -30.99 15.06
N LEU A 265 -6.01 -31.82 14.59
CA LEU A 265 -5.65 -32.96 13.74
C LEU A 265 -5.14 -32.52 12.39
N ASN A 266 -5.69 -31.44 11.82
CA ASN A 266 -5.29 -31.00 10.49
C ASN A 266 -3.87 -30.45 10.45
N ILE A 267 -3.30 -30.11 11.61
CA ILE A 267 -1.92 -29.64 11.67
C ILE A 267 -0.99 -30.76 11.23
N PRO A 268 0.14 -30.47 10.53
CA PRO A 268 1.00 -31.54 10.02
C PRO A 268 1.53 -32.53 11.07
N THR A 269 1.22 -32.30 12.35
CA THR A 269 1.48 -33.27 13.40
C THR A 269 2.97 -33.57 13.54
N GLU A 270 3.46 -34.55 12.78
CA GLU A 270 4.87 -34.92 12.84
C GLU A 270 5.71 -33.82 12.20
N GLU A 271 7.02 -34.06 12.11
CA GLU A 271 7.97 -33.07 11.59
C GLU A 271 7.90 -31.80 12.43
N GLN A 272 8.37 -31.96 13.67
CA GLN A 272 8.08 -31.04 14.76
C GLN A 272 8.79 -29.70 14.56
N SER A 273 8.67 -28.85 15.57
CA SER A 273 9.16 -27.48 15.67
C SER A 273 8.32 -26.49 14.87
N HIS A 274 7.32 -26.96 14.12
CA HIS A 274 6.34 -26.07 13.51
C HIS A 274 4.93 -26.60 13.71
N ALA A 275 4.78 -27.93 13.76
CA ALA A 275 3.47 -28.56 13.82
C ALA A 275 3.03 -28.82 15.26
N ARG A 276 3.89 -29.46 16.06
CA ARG A 276 3.53 -29.73 17.44
C ARG A 276 3.33 -28.45 18.23
N LYS A 277 4.03 -27.38 17.88
CA LYS A 277 3.86 -26.11 18.56
C LYS A 277 2.45 -25.58 18.38
N GLN A 278 1.93 -25.65 17.14
CA GLN A 278 0.56 -25.22 16.90
C GLN A 278 -0.44 -26.09 17.66
N ILE A 279 -0.18 -27.40 17.71
CA ILE A 279 -1.06 -28.30 18.44
C ILE A 279 -1.13 -27.90 19.92
N GLU A 280 0.04 -27.69 20.52
CA GLU A 280 0.08 -27.31 21.94
C GLU A 280 -0.58 -25.96 22.17
N SER A 281 -0.34 -25.01 21.27
CA SER A 281 -0.94 -23.68 21.43
C SER A 281 -2.46 -23.74 21.34
N ARG A 282 -2.98 -24.52 20.39
CA ARG A 282 -4.43 -24.57 20.22
C ARG A 282 -5.10 -25.32 21.37
N LYS A 283 -4.46 -26.39 21.86
CA LYS A 283 -5.00 -27.07 23.04
C LYS A 283 -4.97 -26.17 24.26
N ARG A 284 -3.88 -25.39 24.41
CA ARG A 284 -3.81 -24.43 25.51
C ARG A 284 -4.90 -23.38 25.41
N ILE A 285 -5.17 -22.88 24.20
CA ILE A 285 -6.22 -21.89 24.01
C ILE A 285 -7.58 -22.47 24.41
N ALA A 286 -7.85 -23.70 23.96
CA ALA A 286 -9.13 -24.32 24.32
C ALA A 286 -9.27 -24.50 25.83
N ARG A 287 -8.20 -24.97 26.47
CA ARG A 287 -8.24 -25.15 27.93
C ARG A 287 -8.48 -23.83 28.64
N THR A 288 -7.76 -22.78 28.23
CA THR A 288 -7.96 -21.45 28.81
C THR A 288 -9.39 -20.97 28.61
N VAL A 289 -9.98 -21.32 27.47
CA VAL A 289 -11.36 -20.90 27.18
C VAL A 289 -12.34 -21.55 28.14
N LEU A 290 -12.25 -22.88 28.31
CA LEU A 290 -13.15 -23.54 29.26
C LEU A 290 -12.92 -23.04 30.69
N VAL A 291 -11.66 -22.80 31.05
CA VAL A 291 -11.36 -22.26 32.38
C VAL A 291 -11.99 -20.89 32.56
N LEU A 292 -11.99 -20.07 31.50
CA LEU A 292 -12.61 -18.76 31.57
C LEU A 292 -14.10 -18.87 31.82
N VAL A 293 -14.77 -19.78 31.11
CA VAL A 293 -16.20 -19.96 31.33
C VAL A 293 -16.47 -20.38 32.77
N ALA A 294 -15.73 -21.38 33.26
CA ALA A 294 -15.95 -21.87 34.60
C ALA A 294 -15.68 -20.79 35.64
N LEU A 295 -14.63 -20.00 35.43
CA LEU A 295 -14.30 -18.92 36.36
C LEU A 295 -15.39 -17.87 36.40
N PHE A 296 -15.91 -17.47 35.24
CA PHE A 296 -17.00 -16.49 35.21
C PHE A 296 -18.21 -17.02 35.98
N ALA A 297 -18.60 -18.26 35.71
CA ALA A 297 -19.77 -18.83 36.38
C ALA A 297 -19.58 -18.88 37.89
N LEU A 298 -18.47 -19.47 38.34
CA LEU A 298 -18.26 -19.67 39.76
C LEU A 298 -18.01 -18.36 40.49
N CYS A 299 -17.46 -17.35 39.81
CA CYS A 299 -17.22 -16.07 40.45
C CYS A 299 -18.50 -15.27 40.59
N TRP A 300 -19.37 -15.30 39.58
CA TRP A 300 -20.54 -14.44 39.62
C TRP A 300 -21.77 -15.10 40.25
N LEU A 301 -21.77 -16.42 40.47
CA LEU A 301 -22.93 -17.04 41.10
C LEU A 301 -23.21 -16.55 42.52
N PRO A 302 -22.23 -16.52 43.45
CA PRO A 302 -22.59 -16.23 44.85
C PRO A 302 -23.24 -14.87 45.07
N ASN A 303 -22.83 -13.84 44.35
CA ASN A 303 -23.40 -12.51 44.57
C ASN A 303 -24.87 -12.48 44.16
N HIS A 304 -25.19 -13.07 43.00
CA HIS A 304 -26.58 -13.15 42.58
C HIS A 304 -27.38 -14.02 43.54
N LEU A 305 -26.77 -15.08 44.07
CA LEU A 305 -27.47 -15.92 45.03
C LEU A 305 -27.83 -15.12 46.29
N LEU A 306 -26.89 -14.33 46.79
CA LEU A 306 -27.15 -13.51 47.97
C LEU A 306 -28.24 -12.47 47.69
N TYR A 307 -28.17 -11.82 46.53
CA TYR A 307 -29.18 -10.84 46.16
C TYR A 307 -30.56 -11.46 46.07
N LEU A 308 -30.65 -12.64 45.43
CA LEU A 308 -31.93 -13.32 45.31
C LEU A 308 -32.46 -13.76 46.66
N TYR A 309 -31.58 -14.23 47.55
CA TYR A 309 -32.02 -14.61 48.89
C TYR A 309 -32.56 -13.41 49.65
N HIS A 310 -31.86 -12.26 49.58
CA HIS A 310 -32.33 -11.07 50.26
C HIS A 310 -33.66 -10.58 49.67
N SER A 311 -33.82 -10.69 48.35
CA SER A 311 -35.06 -10.26 47.73
C SER A 311 -36.23 -11.18 48.06
N PHE A 312 -35.97 -12.48 48.21
CA PHE A 312 -37.04 -13.41 48.55
C PHE A 312 -37.64 -13.09 49.91
N THR A 313 -36.80 -12.76 50.89
CA THR A 313 -37.26 -12.48 52.24
C THR A 313 -36.42 -11.40 52.90
N SER A 321 -25.42 -11.98 63.56
CA SER A 321 -25.11 -12.39 62.19
C SER A 321 -23.83 -13.21 62.14
N ALA A 322 -22.69 -12.52 62.13
CA ALA A 322 -21.37 -13.14 62.13
C ALA A 322 -21.16 -13.97 60.87
N MET A 323 -21.87 -15.10 60.77
CA MET A 323 -21.72 -15.96 59.61
C MET A 323 -22.27 -15.33 58.33
N HIS A 324 -23.28 -14.46 58.45
CA HIS A 324 -23.84 -13.83 57.27
C HIS A 324 -22.96 -12.70 56.73
N PHE A 325 -22.29 -11.95 57.62
CA PHE A 325 -21.39 -10.91 57.15
C PHE A 325 -20.18 -11.50 56.42
N ILE A 326 -19.62 -12.59 56.95
CA ILE A 326 -18.51 -13.26 56.28
C ILE A 326 -18.96 -13.79 54.93
N PHE A 327 -20.16 -14.37 54.88
CA PHE A 327 -20.69 -14.87 53.62
C PHE A 327 -20.87 -13.74 52.62
N THR A 328 -21.36 -12.58 53.08
CA THR A 328 -21.57 -11.45 52.19
C THR A 328 -20.26 -10.93 51.62
N ILE A 329 -19.25 -10.78 52.48
CA ILE A 329 -17.97 -10.24 52.00
C ILE A 329 -17.29 -11.23 51.06
N PHE A 330 -17.36 -12.53 51.38
CA PHE A 330 -16.80 -13.55 50.49
C PHE A 330 -17.53 -13.55 49.15
N SER A 331 -18.85 -13.39 49.18
CA SER A 331 -19.63 -13.38 47.94
C SER A 331 -19.23 -12.19 47.06
N ARG A 332 -19.10 -11.01 47.66
CA ARG A 332 -18.70 -9.85 46.88
C ARG A 332 -17.28 -10.00 46.33
N VAL A 333 -16.38 -10.56 47.15
CA VAL A 333 -15.02 -10.80 46.72
C VAL A 333 -15.00 -11.75 45.52
N LEU A 334 -15.79 -12.83 45.58
CA LEU A 334 -15.89 -13.73 44.44
C LEU A 334 -16.48 -13.03 43.23
N ALA A 335 -17.46 -12.16 43.45
CA ALA A 335 -18.13 -11.49 42.34
C ALA A 335 -17.15 -10.62 41.56
N PHE A 336 -16.31 -9.87 42.27
CA PHE A 336 -15.34 -9.03 41.55
C PHE A 336 -14.00 -9.72 41.34
N SER A 337 -13.84 -10.97 41.75
CA SER A 337 -12.60 -11.69 41.46
C SER A 337 -12.43 -11.94 39.97
N ASN A 338 -13.54 -12.23 39.28
CA ASN A 338 -13.49 -12.46 37.84
C ASN A 338 -12.91 -11.26 37.09
N SER A 339 -13.01 -10.07 37.67
CA SER A 339 -12.45 -8.88 37.03
C SER A 339 -10.94 -9.00 36.86
N CYS A 340 -10.25 -9.49 37.87
CA CYS A 340 -8.81 -9.69 37.76
C CYS A 340 -8.46 -10.73 36.71
N VAL A 341 -9.40 -11.64 36.43
CA VAL A 341 -9.15 -12.72 35.48
C VAL A 341 -9.08 -12.20 34.05
N ASN A 342 -9.81 -11.12 33.74
CA ASN A 342 -9.90 -10.66 32.36
C ASN A 342 -8.55 -10.30 31.73
N PRO A 343 -7.69 -9.51 32.36
CA PRO A 343 -6.38 -9.25 31.73
C PRO A 343 -5.43 -10.42 31.84
N PHE A 344 -5.59 -11.26 32.88
CA PHE A 344 -4.69 -12.38 33.08
C PHE A 344 -4.84 -13.43 31.99
N ALA A 345 -6.06 -13.62 31.46
CA ALA A 345 -6.25 -14.57 30.38
C ALA A 345 -5.47 -14.15 29.13
N LEU A 346 -5.55 -12.87 28.78
CA LEU A 346 -4.80 -12.40 27.61
C LEU A 346 -3.30 -12.38 27.88
N TYR A 347 -2.90 -12.16 29.13
CA TYR A 347 -1.48 -12.26 29.46
C TYR A 347 -0.98 -13.69 29.30
N TRP A 348 -1.79 -14.66 29.73
CA TRP A 348 -1.41 -16.06 29.63
C TRP A 348 -1.38 -16.53 28.18
N LEU A 349 -2.35 -16.12 27.38
CA LEU A 349 -2.47 -16.63 26.03
C LEU A 349 -1.43 -16.00 25.09
N SER A 350 -1.50 -14.69 24.92
CA SER A 350 -0.67 -14.01 23.94
C SER A 350 0.71 -13.74 24.52
N LYS A 351 1.75 -14.24 23.85
CA LYS A 351 3.12 -13.95 24.27
C LYS A 351 3.48 -12.50 23.99
N SER A 352 2.88 -11.90 22.97
CA SER A 352 3.12 -10.48 22.69
C SER A 352 2.65 -9.62 23.86
N PHE A 353 1.47 -9.92 24.41
CA PHE A 353 1.00 -9.20 25.59
C PHE A 353 1.90 -9.47 26.79
N GLN A 354 2.43 -10.69 26.91
CA GLN A 354 3.35 -11.00 28.00
C GLN A 354 4.60 -10.12 27.92
N LYS A 355 5.17 -10.01 26.72
CA LYS A 355 6.35 -9.16 26.55
C LYS A 355 6.01 -7.69 26.77
N HIS A 356 4.84 -7.25 26.32
CA HIS A 356 4.43 -5.86 26.54
C HIS A 356 4.31 -5.56 28.03
N PHE A 357 3.72 -6.49 28.79
CA PHE A 357 3.61 -6.32 30.23
C PHE A 357 4.99 -6.29 30.89
N LYS A 358 5.87 -7.21 30.49
CA LYS A 358 7.21 -7.23 31.07
C LYS A 358 8.02 -5.99 30.72
N ALA A 359 7.74 -5.35 29.59
CA ALA A 359 8.46 -4.14 29.21
C ALA A 359 7.88 -2.90 29.90
N GLN A 360 6.54 -2.81 29.96
CA GLN A 360 5.92 -1.61 30.50
C GLN A 360 6.12 -1.49 32.01
N LEU A 361 5.98 -2.60 32.73
CA LEU A 361 6.08 -2.58 34.19
C LEU A 361 7.53 -2.37 34.65
N VAL B 5 -17.08 25.72 1.56
CA VAL B 5 -16.78 25.29 0.19
C VAL B 5 -17.88 25.76 -0.75
N SER B 6 -17.58 25.76 -2.05
CA SER B 6 -18.49 26.27 -3.05
C SER B 6 -19.38 25.15 -3.60
N ALA B 7 -20.27 25.51 -4.53
CA ALA B 7 -21.16 24.54 -5.13
C ALA B 7 -20.40 23.50 -5.95
N GLU B 8 -19.42 23.98 -6.74
CA GLU B 8 -18.59 23.06 -7.51
C GLU B 8 -17.74 22.18 -6.61
N ASP B 9 -17.22 22.73 -5.52
CA ASP B 9 -16.47 21.92 -4.56
C ASP B 9 -17.37 20.89 -3.88
N LYS B 10 -18.62 21.25 -3.60
CA LYS B 10 -19.56 20.29 -3.04
C LYS B 10 -19.82 19.14 -4.01
N ALA B 11 -20.03 19.46 -5.28
CA ALA B 11 -20.27 18.41 -6.27
C ALA B 11 -19.03 17.55 -6.48
N ALA B 12 -17.85 18.16 -6.44
CA ALA B 12 -16.61 17.40 -6.54
C ALA B 12 -16.44 16.46 -5.35
N ALA B 13 -16.79 16.92 -4.15
CA ALA B 13 -16.72 16.05 -2.97
C ALA B 13 -17.73 14.91 -3.07
N GLU B 14 -18.92 15.19 -3.63
CA GLU B 14 -19.89 14.13 -3.82
C GLU B 14 -19.38 13.07 -4.81
N ARG B 15 -18.74 13.51 -5.89
CA ARG B 15 -18.14 12.56 -6.83
C ARG B 15 -17.02 11.77 -6.17
N SER B 16 -16.22 12.42 -5.33
CA SER B 16 -15.18 11.72 -4.59
C SER B 16 -15.78 10.68 -3.65
N LYS B 17 -16.91 10.99 -3.01
CA LYS B 17 -17.57 10.03 -2.14
C LYS B 17 -18.11 8.84 -2.94
N MET B 18 -18.63 9.11 -4.13
CA MET B 18 -19.07 8.00 -5.00
C MET B 18 -17.89 7.11 -5.37
N ILE B 19 -16.74 7.72 -5.66
CA ILE B 19 -15.54 6.94 -5.97
C ILE B 19 -15.13 6.12 -4.76
N ASP B 20 -15.19 6.71 -3.57
CA ASP B 20 -14.89 5.98 -2.34
C ASP B 20 -15.80 4.77 -2.17
N LYS B 21 -17.10 4.96 -2.41
CA LYS B 21 -18.04 3.86 -2.27
C LYS B 21 -17.73 2.74 -3.26
N ASN B 22 -17.46 3.10 -4.51
CA ASN B 22 -17.14 2.08 -5.52
C ASN B 22 -15.86 1.34 -5.16
N LEU B 23 -14.86 2.05 -4.67
CA LEU B 23 -13.62 1.39 -4.24
C LEU B 23 -13.89 0.45 -3.09
N ARG B 24 -14.74 0.85 -2.14
CA ARG B 24 -15.06 -0.01 -1.01
C ARG B 24 -15.74 -1.29 -1.47
N GLU B 25 -16.71 -1.18 -2.39
CA GLU B 25 -17.36 -2.39 -2.90
C GLU B 25 -16.38 -3.27 -3.66
N ASP B 26 -15.50 -2.68 -4.46
CA ASP B 26 -14.51 -3.47 -5.19
C ASP B 26 -13.59 -4.20 -4.24
N GLY B 27 -13.13 -3.52 -3.19
CA GLY B 27 -12.27 -4.17 -2.21
C GLY B 27 -12.98 -5.26 -1.43
N GLU B 28 -14.26 -5.05 -1.12
CA GLU B 28 -15.02 -6.10 -0.45
C GLU B 28 -15.16 -7.32 -1.33
N LYS B 29 -15.41 -7.12 -2.63
CA LYS B 29 -15.50 -8.26 -3.54
C LYS B 29 -14.16 -8.96 -3.71
N ALA B 30 -13.07 -8.19 -3.77
CA ALA B 30 -11.75 -8.76 -4.01
C ALA B 30 -11.08 -9.31 -2.76
N ARG B 31 -11.62 -9.02 -1.57
CA ARG B 31 -11.05 -9.56 -0.34
C ARG B 31 -11.49 -10.98 -0.05
N ARG B 32 -12.53 -11.46 -0.72
CA ARG B 32 -13.04 -12.81 -0.49
C ARG B 32 -12.34 -13.87 -1.33
N THR B 33 -11.37 -13.47 -2.15
CA THR B 33 -10.58 -14.42 -2.93
C THR B 33 -9.21 -14.60 -2.28
N LEU B 34 -8.66 -15.80 -2.44
CA LEU B 34 -7.37 -16.16 -1.87
C LEU B 34 -6.35 -16.27 -2.98
N ARG B 35 -5.28 -15.49 -2.88
CA ARG B 35 -4.26 -15.42 -3.92
C ARG B 35 -3.08 -16.31 -3.56
N LEU B 36 -2.66 -17.14 -4.52
CA LEU B 36 -1.58 -18.08 -4.32
C LEU B 36 -0.51 -17.87 -5.38
N LEU B 37 0.74 -18.10 -5.01
CA LEU B 37 1.87 -17.96 -5.91
C LEU B 37 2.44 -19.34 -6.19
N LEU B 38 2.37 -19.77 -7.46
CA LEU B 38 2.91 -21.05 -7.86
C LEU B 38 4.39 -20.89 -8.20
N LEU B 39 5.25 -21.53 -7.43
CA LEU B 39 6.69 -21.31 -7.50
C LEU B 39 7.43 -22.62 -7.69
N GLY B 40 6.98 -23.44 -8.62
CA GLY B 40 7.67 -24.67 -8.93
C GLY B 40 8.91 -24.46 -9.77
N ALA B 41 9.19 -25.41 -10.66
CA ALA B 41 10.32 -25.30 -11.59
C ALA B 41 10.03 -26.18 -12.79
N ASP B 42 10.86 -26.03 -13.82
CA ASP B 42 10.75 -26.91 -14.98
C ASP B 42 11.03 -28.34 -14.56
N ASN B 43 10.26 -29.27 -15.10
CA ASN B 43 10.19 -30.72 -14.85
C ASN B 43 9.47 -31.05 -13.54
N SER B 44 9.02 -30.04 -12.79
CA SER B 44 8.28 -30.30 -11.56
C SER B 44 6.80 -30.55 -11.81
N GLY B 45 6.30 -30.26 -13.00
CA GLY B 45 4.89 -30.46 -13.30
C GLY B 45 3.97 -29.62 -12.44
N LYS B 46 4.34 -28.37 -12.18
CA LYS B 46 3.51 -27.50 -11.36
C LYS B 46 2.23 -27.08 -12.08
N SER B 47 2.24 -27.06 -13.41
CA SER B 47 1.04 -26.69 -14.15
C SER B 47 -0.08 -27.71 -13.95
N THR B 48 0.27 -28.99 -13.95
CA THR B 48 -0.71 -30.06 -13.79
C THR B 48 -0.81 -30.51 -12.34
N ILE B 49 -1.15 -29.56 -11.47
CA ILE B 49 -1.38 -29.83 -10.05
C ILE B 49 -2.84 -29.67 -9.68
N VAL B 50 -3.46 -28.56 -10.10
CA VAL B 50 -4.86 -28.27 -9.82
C VAL B 50 -5.62 -28.36 -11.13
N LYS B 51 -6.69 -29.15 -11.14
CA LYS B 51 -7.51 -29.32 -12.35
C LYS B 51 -8.64 -28.31 -12.39
N GLY B 68 3.56 -13.95 -19.87
CA GLY B 68 3.62 -13.06 -18.72
C GLY B 68 3.29 -13.76 -17.41
N ILE B 69 2.03 -13.70 -17.03
CA ILE B 69 1.53 -14.33 -15.81
C ILE B 69 0.47 -15.35 -16.22
N PHE B 70 0.68 -16.61 -15.86
CA PHE B 70 -0.28 -17.66 -16.17
C PHE B 70 -1.22 -17.80 -14.97
N GLU B 71 -2.27 -17.00 -14.97
CA GLU B 71 -3.22 -16.96 -13.86
C GLU B 71 -4.29 -18.03 -14.05
N THR B 72 -4.48 -18.86 -13.04
CA THR B 72 -5.50 -19.89 -13.06
C THR B 72 -6.38 -19.76 -11.83
N LYS B 73 -7.69 -19.94 -12.03
CA LYS B 73 -8.68 -19.80 -10.98
C LYS B 73 -9.40 -21.11 -10.75
N PHE B 74 -9.59 -21.46 -9.48
CA PHE B 74 -10.37 -22.63 -9.09
C PHE B 74 -11.13 -22.30 -7.82
N GLN B 75 -12.21 -23.02 -7.58
CA GLN B 75 -13.05 -22.79 -6.41
C GLN B 75 -13.49 -24.12 -5.83
N VAL B 76 -13.25 -24.31 -4.54
CA VAL B 76 -13.75 -25.46 -3.79
C VAL B 76 -14.44 -24.96 -2.53
N ASP B 77 -15.55 -25.60 -2.17
CA ASP B 77 -16.33 -25.25 -0.97
C ASP B 77 -16.74 -23.77 -0.99
N LYS B 78 -17.09 -23.28 -2.17
CA LYS B 78 -17.58 -21.90 -2.35
C LYS B 78 -16.56 -20.86 -1.91
N VAL B 79 -15.27 -21.20 -2.00
CA VAL B 79 -14.19 -20.27 -1.74
C VAL B 79 -13.34 -20.16 -3.00
N ASN B 80 -13.11 -18.93 -3.45
CA ASN B 80 -12.39 -18.69 -4.69
C ASN B 80 -10.90 -18.57 -4.44
N PHE B 81 -10.12 -19.19 -5.33
CA PHE B 81 -8.66 -19.14 -5.28
C PHE B 81 -8.14 -18.60 -6.60
N HIS B 82 -7.11 -17.75 -6.51
CA HIS B 82 -6.46 -17.20 -7.70
C HIS B 82 -4.97 -17.51 -7.61
N MET B 83 -4.47 -18.26 -8.59
CA MET B 83 -3.09 -18.74 -8.60
C MET B 83 -2.31 -17.99 -9.66
N PHE B 84 -1.11 -17.51 -9.30
CA PHE B 84 -0.29 -16.70 -10.18
C PHE B 84 1.00 -17.44 -10.48
N ASP B 85 1.26 -17.69 -11.76
CA ASP B 85 2.46 -18.37 -12.23
C ASP B 85 3.22 -17.41 -13.14
N VAL B 86 4.26 -16.77 -12.62
CA VAL B 86 5.01 -15.77 -13.37
C VAL B 86 5.92 -16.48 -14.37
N GLY B 87 5.86 -16.05 -15.62
CA GLY B 87 6.70 -16.60 -16.66
C GLY B 87 7.05 -15.63 -17.77
N ARG B 93 15.19 -12.45 -9.93
CA ARG B 93 13.98 -12.83 -9.23
C ARG B 93 13.89 -12.15 -7.86
N ARG B 94 15.00 -11.54 -7.44
CA ARG B 94 15.05 -10.91 -6.14
C ARG B 94 14.12 -9.70 -6.02
N LYS B 95 13.68 -9.13 -7.14
CA LYS B 95 12.95 -7.89 -7.16
C LYS B 95 11.46 -8.07 -7.41
N TRP B 96 11.07 -8.88 -8.39
CA TRP B 96 9.65 -9.07 -8.65
C TRP B 96 9.00 -10.06 -7.71
N ILE B 97 9.78 -10.75 -6.87
CA ILE B 97 9.19 -11.65 -5.89
C ILE B 97 8.61 -10.87 -4.71
N GLN B 98 8.93 -9.58 -4.60
CA GLN B 98 8.42 -8.76 -3.51
C GLN B 98 6.96 -8.40 -3.69
N CYS B 99 6.45 -8.44 -4.92
CA CYS B 99 5.04 -8.15 -5.15
C CYS B 99 4.14 -9.18 -4.47
N PHE B 100 4.62 -10.40 -4.32
CA PHE B 100 3.83 -11.49 -3.72
C PHE B 100 4.14 -11.67 -2.25
N ASN B 101 4.04 -10.60 -1.45
CA ASN B 101 4.20 -10.75 -0.01
C ASN B 101 2.87 -10.79 0.74
N ASP B 102 1.77 -10.44 0.09
CA ASP B 102 0.45 -10.45 0.69
C ASP B 102 -0.38 -11.65 0.24
N VAL B 103 0.20 -12.58 -0.52
CA VAL B 103 -0.54 -13.75 -0.95
C VAL B 103 -0.83 -14.64 0.26
N THR B 104 -1.89 -15.43 0.16
CA THR B 104 -2.26 -16.30 1.27
C THR B 104 -1.18 -17.33 1.56
N ALA B 105 -0.65 -17.95 0.50
CA ALA B 105 0.39 -18.97 0.67
C ALA B 105 1.17 -19.09 -0.63
N ILE B 106 2.32 -19.73 -0.54
CA ILE B 106 3.14 -20.07 -1.70
C ILE B 106 3.02 -21.56 -1.93
N ILE B 107 2.72 -21.95 -3.16
CA ILE B 107 2.61 -23.36 -3.53
C ILE B 107 3.90 -23.75 -4.23
N PHE B 108 4.75 -24.50 -3.53
CA PHE B 108 6.04 -24.92 -4.05
C PHE B 108 5.93 -26.37 -4.52
N VAL B 109 6.24 -26.61 -5.79
CA VAL B 109 6.12 -27.93 -6.39
C VAL B 109 7.52 -28.45 -6.69
N VAL B 110 7.81 -29.66 -6.22
CA VAL B 110 9.13 -30.27 -6.34
C VAL B 110 8.99 -31.59 -7.07
N ASP B 111 9.86 -31.82 -8.05
CA ASP B 111 9.93 -33.10 -8.74
C ASP B 111 10.79 -34.03 -7.90
N SER B 112 10.15 -34.93 -7.16
CA SER B 112 10.85 -35.79 -6.22
C SER B 112 11.52 -36.98 -6.87
N SER B 113 11.24 -37.27 -8.13
CA SER B 113 11.83 -38.44 -8.78
C SER B 113 13.28 -38.21 -9.18
N ASP B 114 13.62 -37.00 -9.58
CA ASP B 114 14.96 -36.69 -10.09
C ASP B 114 15.84 -36.23 -8.93
N TYR B 115 16.81 -37.06 -8.57
CA TYR B 115 17.72 -36.74 -7.47
C TYR B 115 18.76 -35.70 -7.85
N ASN B 116 19.06 -35.56 -9.14
CA ASN B 116 20.06 -34.59 -9.56
C ASN B 116 19.64 -33.16 -9.22
N ARG B 117 18.38 -32.83 -9.50
CA ARG B 117 17.86 -31.49 -9.26
C ARG B 117 17.26 -31.32 -7.87
N LEU B 118 17.31 -32.35 -7.03
CA LEU B 118 16.74 -32.25 -5.69
C LEU B 118 17.45 -31.21 -4.84
N GLN B 119 18.78 -31.13 -4.95
CA GLN B 119 19.53 -30.14 -4.18
C GLN B 119 19.21 -28.73 -4.65
N GLU B 120 19.03 -28.54 -5.95
CA GLU B 120 18.63 -27.23 -6.46
C GLU B 120 17.23 -26.86 -5.97
N ALA B 121 16.33 -27.84 -5.90
CA ALA B 121 15.00 -27.59 -5.34
C ALA B 121 15.09 -27.21 -3.87
N LEU B 122 15.96 -27.88 -3.11
CA LEU B 122 16.14 -27.54 -1.71
C LEU B 122 16.71 -26.13 -1.55
N ASN B 123 17.68 -25.75 -2.39
CA ASN B 123 18.23 -24.41 -2.32
C ASN B 123 17.17 -23.36 -2.67
N ASP B 124 16.35 -23.64 -3.68
CA ASP B 124 15.26 -22.73 -4.02
C ASP B 124 14.27 -22.60 -2.87
N PHE B 125 13.90 -23.72 -2.25
CA PHE B 125 12.97 -23.67 -1.12
C PHE B 125 13.56 -22.87 0.03
N LYS B 126 14.86 -23.05 0.31
CA LYS B 126 15.51 -22.29 1.36
C LYS B 126 15.51 -20.80 1.05
N SER B 127 15.77 -20.43 -0.20
CA SER B 127 15.78 -19.02 -0.59
C SER B 127 14.41 -18.39 -0.41
N ILE B 128 13.36 -19.08 -0.87
CA ILE B 128 12.00 -18.57 -0.66
C ILE B 128 11.67 -18.48 0.82
N TRP B 129 12.02 -19.51 1.60
CA TRP B 129 11.66 -19.53 3.00
C TRP B 129 12.32 -18.39 3.78
N ASN B 130 13.58 -18.11 3.49
CA ASN B 130 14.36 -17.15 4.28
C ASN B 130 14.28 -15.72 3.76
N ASN B 131 13.50 -15.47 2.72
CA ASN B 131 13.42 -14.11 2.17
C ASN B 131 12.79 -13.16 3.18
N ARG B 132 13.25 -11.91 3.18
CA ARG B 132 12.80 -10.94 4.15
C ARG B 132 11.32 -10.60 3.96
N TRP B 133 10.86 -10.56 2.71
CA TRP B 133 9.48 -10.20 2.42
C TRP B 133 8.56 -11.41 2.30
N LEU B 134 9.11 -12.62 2.35
CA LEU B 134 8.31 -13.84 2.37
C LEU B 134 8.49 -14.59 3.69
N ARG B 135 8.84 -13.88 4.75
CA ARG B 135 9.10 -14.48 6.05
C ARG B 135 7.84 -14.69 6.88
N THR B 136 6.67 -14.27 6.38
CA THR B 136 5.41 -14.50 7.06
C THR B 136 4.43 -15.30 6.21
N ILE B 137 4.88 -15.83 5.07
CA ILE B 137 4.01 -16.57 4.16
C ILE B 137 4.27 -18.06 4.35
N SER B 138 3.22 -18.82 4.63
CA SER B 138 3.35 -20.26 4.70
C SER B 138 3.46 -20.85 3.30
N VAL B 139 4.11 -22.01 3.23
CA VAL B 139 4.39 -22.67 1.96
C VAL B 139 3.67 -24.02 1.96
N ILE B 140 2.90 -24.27 0.91
CA ILE B 140 2.24 -25.57 0.72
C ILE B 140 3.13 -26.36 -0.23
N LEU B 141 3.95 -27.25 0.32
CA LEU B 141 4.94 -27.96 -0.48
C LEU B 141 4.32 -29.21 -1.09
N PHE B 142 4.41 -29.32 -2.41
CA PHE B 142 3.89 -30.46 -3.15
C PHE B 142 5.07 -31.23 -3.72
N LEU B 143 5.37 -32.37 -3.11
CA LEU B 143 6.45 -33.23 -3.59
C LEU B 143 5.89 -34.08 -4.72
N ASN B 144 5.93 -33.53 -5.92
CA ASN B 144 5.26 -34.10 -7.07
C ASN B 144 5.98 -35.36 -7.57
N LYS B 145 5.24 -36.15 -8.35
CA LYS B 145 5.76 -37.34 -9.03
C LYS B 145 6.34 -38.34 -8.03
N GLN B 146 5.48 -38.76 -7.10
CA GLN B 146 5.88 -39.81 -6.17
C GLN B 146 5.89 -41.18 -6.82
N ASP B 147 5.05 -41.39 -7.85
CA ASP B 147 5.02 -42.67 -8.54
C ASP B 147 6.32 -42.93 -9.28
N LEU B 148 6.88 -41.91 -9.94
CA LEU B 148 8.16 -42.06 -10.60
C LEU B 148 9.27 -42.32 -9.59
N LEU B 149 9.21 -41.67 -8.43
CA LEU B 149 10.17 -41.93 -7.37
C LEU B 149 10.08 -43.36 -6.88
N ALA B 150 8.86 -43.86 -6.70
CA ALA B 150 8.67 -45.25 -6.28
C ALA B 150 9.24 -46.22 -7.32
N GLU B 151 8.98 -45.96 -8.60
CA GLU B 151 9.52 -46.81 -9.64
C GLU B 151 11.05 -46.78 -9.65
N LYS B 152 11.62 -45.58 -9.47
CA LYS B 152 13.08 -45.46 -9.47
C LYS B 152 13.71 -46.20 -8.30
N VAL B 153 13.12 -46.08 -7.10
CA VAL B 153 13.70 -46.77 -5.95
C VAL B 153 13.49 -48.28 -6.06
N LEU B 154 12.38 -48.71 -6.66
CA LEU B 154 12.18 -50.15 -6.87
C LEU B 154 13.18 -50.70 -7.87
N ALA B 155 13.48 -49.92 -8.92
CA ALA B 155 14.45 -50.38 -9.92
C ALA B 155 15.84 -50.56 -9.30
N GLY B 156 16.26 -49.63 -8.46
CA GLY B 156 17.54 -49.71 -7.80
C GLY B 156 18.72 -49.22 -8.61
N LYS B 157 18.51 -48.77 -9.84
CA LYS B 157 19.62 -48.29 -10.65
C LYS B 157 20.24 -47.04 -10.07
N SER B 158 19.41 -46.12 -9.56
CA SER B 158 19.87 -44.87 -8.98
C SER B 158 19.74 -44.93 -7.47
N LYS B 159 20.80 -44.57 -6.76
CA LYS B 159 20.84 -44.61 -5.30
C LYS B 159 20.82 -43.18 -4.75
N ILE B 160 19.91 -42.93 -3.82
CA ILE B 160 19.84 -41.61 -3.18
C ILE B 160 21.09 -41.35 -2.36
N GLU B 161 21.79 -42.41 -1.95
CA GLU B 161 22.98 -42.23 -1.11
C GLU B 161 24.10 -41.52 -1.86
N ASP B 162 24.17 -41.67 -3.19
CA ASP B 162 25.21 -41.01 -3.96
C ASP B 162 25.06 -39.50 -3.92
N TYR B 163 23.85 -39.01 -4.12
CA TYR B 163 23.62 -37.56 -4.07
C TYR B 163 23.49 -37.06 -2.64
N PHE B 164 22.83 -37.82 -1.78
CA PHE B 164 22.65 -37.46 -0.38
C PHE B 164 23.29 -38.51 0.51
N PRO B 165 24.49 -38.25 1.04
CA PRO B 165 25.17 -39.27 1.86
C PRO B 165 24.40 -39.68 3.09
N GLU B 166 23.59 -38.77 3.67
CA GLU B 166 22.89 -39.08 4.91
C GLU B 166 21.81 -40.14 4.74
N PHE B 167 21.34 -40.37 3.52
CA PHE B 167 20.33 -41.40 3.31
C PHE B 167 20.87 -42.79 3.62
N ALA B 168 22.19 -42.97 3.52
CA ALA B 168 22.77 -44.27 3.84
C ALA B 168 22.59 -44.60 5.31
N ARG B 169 22.73 -43.60 6.19
CA ARG B 169 22.55 -43.77 7.63
C ARG B 169 21.20 -43.23 8.10
N TYR B 170 20.17 -43.34 7.28
CA TYR B 170 18.84 -42.86 7.61
C TYR B 170 17.89 -44.05 7.77
N THR B 171 17.15 -44.06 8.87
CA THR B 171 16.12 -45.07 9.10
C THR B 171 14.79 -44.38 9.38
N THR B 172 13.72 -44.91 8.79
CA THR B 172 12.41 -44.31 8.98
C THR B 172 11.98 -44.39 10.45
N PRO B 173 11.27 -43.38 10.95
CA PRO B 173 10.76 -43.39 12.32
C PRO B 173 9.83 -44.55 12.61
N ASP B 183 5.90 -50.83 0.67
CA ASP B 183 7.31 -51.12 0.55
C ASP B 183 8.12 -50.16 1.42
N PRO B 184 8.82 -50.71 2.41
CA PRO B 184 9.56 -49.84 3.35
C PRO B 184 10.62 -48.96 2.69
N ARG B 185 11.25 -49.44 1.61
CA ARG B 185 12.26 -48.63 0.94
C ARG B 185 11.66 -47.35 0.36
N VAL B 186 10.50 -47.47 -0.30
CA VAL B 186 9.83 -46.30 -0.83
C VAL B 186 9.42 -45.36 0.29
N THR B 187 8.92 -45.92 1.39
CA THR B 187 8.47 -45.10 2.51
C THR B 187 9.62 -44.31 3.10
N ARG B 188 10.78 -44.94 3.29
CA ARG B 188 11.92 -44.22 3.84
C ARG B 188 12.50 -43.23 2.84
N ALA B 189 12.45 -43.53 1.54
CA ALA B 189 12.87 -42.55 0.54
C ALA B 189 11.99 -41.31 0.59
N LYS B 190 10.67 -41.51 0.60
CA LYS B 190 9.74 -40.39 0.69
C LYS B 190 9.95 -39.60 1.98
N TYR B 191 10.14 -40.30 3.09
CA TYR B 191 10.28 -39.62 4.38
C TYR B 191 11.58 -38.82 4.44
N PHE B 192 12.67 -39.37 3.89
CA PHE B 192 13.92 -38.62 3.85
C PHE B 192 13.80 -37.38 2.97
N ILE B 193 13.18 -37.53 1.79
CA ILE B 193 13.02 -36.40 0.89
C ILE B 193 12.19 -35.30 1.55
N ARG B 194 11.08 -35.68 2.19
CA ARG B 194 10.25 -34.70 2.87
C ARG B 194 10.97 -34.09 4.07
N LYS B 195 11.76 -34.90 4.78
CA LYS B 195 12.45 -34.43 5.97
C LYS B 195 13.52 -33.40 5.64
N GLU B 196 14.14 -33.50 4.46
CA GLU B 196 15.08 -32.47 4.04
C GLU B 196 14.40 -31.10 3.99
N PHE B 197 13.26 -31.02 3.30
CA PHE B 197 12.53 -29.77 3.17
C PHE B 197 12.01 -29.31 4.53
N VAL B 198 11.55 -30.25 5.37
CA VAL B 198 11.03 -29.87 6.67
C VAL B 198 12.14 -29.34 7.57
N ASP B 199 13.33 -29.94 7.51
CA ASP B 199 14.46 -29.41 8.25
C ASP B 199 14.80 -28.00 7.80
N ILE B 200 14.79 -27.77 6.48
CA ILE B 200 15.01 -26.42 5.97
C ILE B 200 13.97 -25.46 6.54
N SER B 201 12.70 -25.87 6.55
CA SER B 201 11.63 -24.96 6.95
C SER B 201 11.66 -24.68 8.44
N THR B 202 11.97 -25.69 9.26
CA THR B 202 11.97 -25.54 10.70
C THR B 202 13.30 -25.03 11.25
N ALA B 203 14.33 -24.91 10.41
CA ALA B 203 15.58 -24.33 10.88
C ALA B 203 15.45 -22.84 11.19
N SER B 204 14.38 -22.20 10.75
CA SER B 204 14.16 -20.78 10.99
C SER B 204 12.67 -20.48 10.92
N GLY B 205 12.30 -19.31 11.42
CA GLY B 205 10.92 -18.86 11.34
C GLY B 205 10.28 -18.59 12.68
N ASP B 206 10.56 -19.46 13.66
CA ASP B 206 10.02 -19.32 15.02
C ASP B 206 8.49 -19.30 15.01
N GLY B 207 7.89 -20.08 14.12
CA GLY B 207 6.45 -20.23 14.09
C GLY B 207 5.68 -19.16 13.36
N ARG B 208 6.35 -18.15 12.80
CA ARG B 208 5.64 -17.12 12.05
C ARG B 208 5.01 -17.68 10.78
N HIS B 209 5.55 -18.78 10.26
CA HIS B 209 4.99 -19.47 9.11
C HIS B 209 5.49 -20.90 9.13
N ILE B 210 4.68 -21.82 8.61
CA ILE B 210 5.02 -23.23 8.59
C ILE B 210 4.82 -23.77 7.18
N CYS B 211 5.45 -24.91 6.91
CA CYS B 211 5.40 -25.56 5.62
C CYS B 211 4.44 -26.75 5.69
N TYR B 212 3.65 -26.93 4.64
CA TYR B 212 2.67 -28.01 4.58
C TYR B 212 3.07 -29.02 3.52
N PRO B 213 3.93 -29.98 3.85
CA PRO B 213 4.37 -30.95 2.84
C PRO B 213 3.25 -31.87 2.40
N HIS B 214 3.30 -32.24 1.12
CA HIS B 214 2.33 -33.17 0.55
C HIS B 214 3.04 -34.01 -0.50
N PHE B 215 2.44 -35.16 -0.81
CA PHE B 215 2.95 -36.06 -1.83
C PHE B 215 1.96 -36.12 -2.97
N THR B 216 2.43 -35.84 -4.19
CA THR B 216 1.58 -35.75 -5.36
C THR B 216 2.13 -36.66 -6.44
N CYS B 217 1.23 -37.26 -7.22
CA CYS B 217 1.61 -38.18 -8.29
C CYS B 217 1.24 -37.65 -9.67
N ALA B 218 0.90 -36.36 -9.76
CA ALA B 218 0.49 -35.70 -11.00
C ALA B 218 -0.76 -36.32 -11.62
N VAL B 219 -1.46 -37.17 -10.88
CA VAL B 219 -2.74 -37.74 -11.32
C VAL B 219 -3.74 -37.57 -10.20
N ASP B 220 -3.26 -37.18 -9.02
CA ASP B 220 -4.13 -36.96 -7.88
C ASP B 220 -4.99 -35.73 -8.11
N THR B 221 -6.30 -35.88 -7.89
CA THR B 221 -7.25 -34.80 -8.08
C THR B 221 -7.61 -34.08 -6.78
N GLU B 222 -6.93 -34.39 -5.69
CA GLU B 222 -7.23 -33.83 -4.39
C GLU B 222 -6.32 -32.66 -4.02
N ASN B 223 -5.49 -32.18 -4.95
CA ASN B 223 -4.55 -31.12 -4.63
C ASN B 223 -5.27 -29.82 -4.31
N ALA B 224 -6.39 -29.56 -4.99
CA ALA B 224 -7.18 -28.36 -4.68
C ALA B 224 -7.73 -28.43 -3.26
N ARG B 225 -8.20 -29.61 -2.84
CA ARG B 225 -8.69 -29.77 -1.48
C ARG B 225 -7.57 -29.59 -0.46
N ARG B 226 -6.39 -30.12 -0.75
CA ARG B 226 -5.24 -29.93 0.13
C ARG B 226 -4.90 -28.45 0.26
N ILE B 227 -4.88 -27.74 -0.87
CA ILE B 227 -4.60 -26.31 -0.85
C ILE B 227 -5.64 -25.57 -0.02
N PHE B 228 -6.91 -25.93 -0.19
CA PHE B 228 -7.98 -25.26 0.54
C PHE B 228 -7.86 -25.50 2.05
N ASN B 229 -7.62 -26.75 2.45
CA ASN B 229 -7.49 -27.05 3.87
C ASN B 229 -6.28 -26.36 4.48
N ASP B 230 -5.15 -26.37 3.77
CA ASP B 230 -3.96 -25.72 4.29
C ASP B 230 -4.15 -24.21 4.38
N CYS B 231 -4.81 -23.60 3.40
CA CYS B 231 -5.08 -22.16 3.45
C CYS B 231 -6.04 -21.82 4.57
N LYS B 232 -7.04 -22.68 4.80
CA LYS B 232 -7.96 -22.46 5.91
C LYS B 232 -7.23 -22.51 7.24
N ASP B 233 -6.31 -23.46 7.40
CA ASP B 233 -5.50 -23.52 8.61
C ASP B 233 -4.59 -22.30 8.73
N ILE B 234 -4.02 -21.83 7.61
CA ILE B 234 -3.17 -20.65 7.62
C ILE B 234 -3.95 -19.43 8.10
N ILE B 235 -5.15 -19.25 7.57
CA ILE B 235 -5.98 -18.10 7.94
C ILE B 235 -6.46 -18.23 9.38
N LEU B 236 -6.77 -19.45 9.83
CA LEU B 236 -7.15 -19.65 11.22
C LEU B 236 -6.02 -19.25 12.16
N GLN B 237 -4.79 -19.67 11.84
CA GLN B 237 -3.66 -19.32 12.67
C GLN B 237 -3.39 -17.81 12.63
N MET B 238 -3.58 -17.19 11.47
CA MET B 238 -3.44 -15.74 11.36
C MET B 238 -4.46 -15.02 12.23
N ASN B 239 -5.70 -15.50 12.25
CA ASN B 239 -6.73 -14.92 13.10
C ASN B 239 -6.37 -15.11 14.58
N LEU B 240 -5.87 -16.29 14.93
CA LEU B 240 -5.45 -16.52 16.31
C LEU B 240 -4.33 -15.57 16.72
N ARG B 241 -3.38 -15.33 15.81
CA ARG B 241 -2.29 -14.41 16.11
C ARG B 241 -2.82 -12.98 16.28
N GLU B 242 -3.63 -12.51 15.35
CA GLU B 242 -4.09 -11.13 15.39
C GLU B 242 -5.12 -10.88 16.48
N TYR B 243 -5.65 -11.94 17.09
CA TYR B 243 -6.62 -11.82 18.16
C TYR B 243 -6.01 -12.01 19.55
N ASN B 244 -4.68 -12.01 19.64
CA ASN B 244 -3.98 -12.15 20.91
C ASN B 244 -4.37 -13.45 21.62
N LEU B 245 -4.66 -14.49 20.84
CA LEU B 245 -4.98 -15.79 21.39
C LEU B 245 -3.81 -16.75 21.36
N VAL B 246 -2.84 -16.56 20.48
CA VAL B 246 -1.65 -17.39 20.43
C VAL B 246 -0.48 -16.65 21.06
N VAL C 2 -20.76 13.02 -28.37
CA VAL C 2 -21.76 13.50 -27.42
C VAL C 2 -23.00 13.96 -28.17
N GLN C 3 -24.17 13.68 -27.59
CA GLN C 3 -25.44 14.05 -28.22
C GLN C 3 -26.53 14.02 -27.17
N LEU C 4 -27.26 15.12 -27.03
CA LEU C 4 -28.42 15.21 -26.15
C LEU C 4 -29.62 15.60 -26.99
N VAL C 5 -30.65 14.77 -26.97
CA VAL C 5 -31.89 15.02 -27.73
C VAL C 5 -33.05 15.00 -26.75
N GLU C 6 -33.85 16.06 -26.77
CA GLU C 6 -34.98 16.22 -25.86
C GLU C 6 -36.29 16.10 -26.63
N SER C 7 -37.28 15.46 -26.00
CA SER C 7 -38.59 15.30 -26.59
C SER C 7 -39.65 15.47 -25.52
N GLY C 8 -40.87 15.76 -25.95
CA GLY C 8 -41.99 15.97 -25.05
C GLY C 8 -42.60 17.35 -25.09
N GLY C 9 -42.07 18.28 -25.87
CA GLY C 9 -42.65 19.60 -25.94
C GLY C 9 -43.85 19.67 -26.86
N GLY C 10 -44.50 20.82 -26.87
CA GLY C 10 -45.64 21.07 -27.70
C GLY C 10 -46.68 21.88 -26.96
N LEU C 11 -47.88 21.91 -27.52
CA LEU C 11 -48.98 22.68 -26.93
C LEU C 11 -49.49 21.99 -25.68
N VAL C 12 -49.67 22.76 -24.61
CA VAL C 12 -50.14 22.24 -23.32
C VAL C 12 -51.23 23.16 -22.81
N GLN C 13 -52.33 22.58 -22.37
CA GLN C 13 -53.41 23.38 -21.79
C GLN C 13 -53.00 23.91 -20.41
N PRO C 14 -53.39 25.14 -20.08
CA PRO C 14 -52.99 25.70 -18.78
C PRO C 14 -53.49 24.85 -17.63
N GLY C 15 -52.65 24.73 -16.60
CA GLY C 15 -52.96 23.91 -15.45
C GLY C 15 -52.74 22.42 -15.66
N GLY C 16 -52.27 22.01 -16.83
CA GLY C 16 -52.06 20.61 -17.13
C GLY C 16 -50.70 20.12 -16.66
N SER C 17 -50.32 18.94 -17.17
CA SER C 17 -49.06 18.32 -16.84
C SER C 17 -48.38 17.84 -18.10
N ARG C 18 -47.06 17.99 -18.15
CA ARG C 18 -46.28 17.56 -19.30
C ARG C 18 -44.91 17.07 -18.81
N LYS C 19 -44.41 16.01 -19.45
CA LYS C 19 -43.14 15.41 -19.09
C LYS C 19 -42.14 15.60 -20.22
N LEU C 20 -40.96 16.10 -19.87
CA LEU C 20 -39.88 16.27 -20.83
C LEU C 20 -38.82 15.20 -20.59
N SER C 21 -38.44 14.50 -21.65
CA SER C 21 -37.45 13.44 -21.59
C SER C 21 -36.30 13.77 -22.52
N CYS C 22 -35.07 13.55 -22.05
CA CYS C 22 -33.87 13.80 -22.83
C CYS C 22 -33.02 12.52 -22.86
N SER C 23 -32.58 12.14 -24.06
CA SER C 23 -31.75 10.96 -24.25
C SER C 23 -30.33 11.37 -24.52
N ALA C 24 -29.40 10.84 -23.72
CA ALA C 24 -27.98 11.15 -23.84
C ALA C 24 -27.26 9.97 -24.48
N SER C 25 -26.52 10.25 -25.56
CA SER C 25 -25.79 9.21 -26.27
C SER C 25 -24.43 9.75 -26.66
N GLY C 26 -23.39 8.97 -26.38
CA GLY C 26 -22.04 9.32 -26.77
C GLY C 26 -21.11 9.73 -25.65
N PHE C 27 -21.50 9.55 -24.39
CA PHE C 27 -20.63 9.88 -23.27
C PHE C 27 -21.11 9.13 -22.05
N ALA C 28 -20.28 9.15 -21.01
CA ALA C 28 -20.60 8.48 -19.75
C ALA C 28 -21.67 9.25 -18.98
N PHE C 29 -22.93 9.00 -19.31
CA PHE C 29 -24.04 9.76 -18.73
C PHE C 29 -24.09 9.64 -17.21
N SER C 30 -23.55 8.57 -16.64
CA SER C 30 -23.64 8.36 -15.21
C SER C 30 -22.69 9.25 -14.41
N SER C 31 -21.65 9.78 -15.05
CA SER C 31 -20.67 10.60 -14.36
C SER C 31 -20.94 12.10 -14.46
N PHE C 32 -21.98 12.51 -15.18
CA PHE C 32 -22.29 13.91 -15.39
C PHE C 32 -23.54 14.28 -14.60
N GLY C 33 -23.48 15.41 -13.90
CA GLY C 33 -24.70 16.02 -13.38
C GLY C 33 -25.39 16.77 -14.51
N MET C 34 -26.72 16.72 -14.49
CA MET C 34 -27.51 17.25 -15.59
C MET C 34 -28.42 18.38 -15.11
N HIS C 35 -28.46 19.45 -15.89
CA HIS C 35 -29.27 20.62 -15.60
C HIS C 35 -30.38 20.78 -16.62
N TRP C 36 -31.36 21.60 -16.28
CA TRP C 36 -32.38 22.05 -17.22
C TRP C 36 -32.35 23.57 -17.25
N VAL C 37 -32.43 24.15 -18.44
CA VAL C 37 -32.40 25.59 -18.63
C VAL C 37 -33.52 25.97 -19.59
N ARG C 38 -34.28 27.00 -19.23
CA ARG C 38 -35.34 27.53 -20.08
C ARG C 38 -34.84 28.69 -20.94
N GLN C 39 -35.66 29.06 -21.91
CA GLN C 39 -35.47 30.31 -22.62
C GLN C 39 -36.82 30.70 -23.21
N ALA C 40 -37.50 31.64 -22.55
CA ALA C 40 -38.76 32.13 -23.07
C ALA C 40 -38.50 32.88 -24.38
N PRO C 41 -39.45 32.86 -25.30
CA PRO C 41 -39.25 33.56 -26.59
C PRO C 41 -38.96 35.03 -26.39
N GLU C 42 -37.98 35.52 -27.14
CA GLU C 42 -37.50 36.90 -27.02
C GLU C 42 -37.06 37.23 -25.60
N LYS C 43 -36.35 36.30 -24.95
CA LYS C 43 -35.89 36.49 -23.59
C LYS C 43 -34.68 35.61 -23.36
N GLY C 44 -33.94 35.89 -22.28
CA GLY C 44 -32.73 35.18 -21.97
C GLY C 44 -32.97 33.83 -21.35
N LEU C 45 -31.87 33.15 -21.04
CA LEU C 45 -31.94 31.82 -20.46
C LEU C 45 -32.30 31.89 -18.98
N GLU C 46 -32.71 30.75 -18.44
CA GLU C 46 -33.10 30.66 -17.04
C GLU C 46 -32.92 29.24 -16.55
N TRP C 47 -32.06 29.06 -15.55
CA TRP C 47 -31.81 27.75 -14.98
C TRP C 47 -33.03 27.26 -14.23
N VAL C 48 -33.34 25.97 -14.39
CA VAL C 48 -34.57 25.37 -13.85
C VAL C 48 -34.28 24.38 -12.73
N ALA C 49 -33.49 23.35 -13.01
CA ALA C 49 -33.26 22.29 -12.04
C ALA C 49 -31.88 21.71 -12.23
N TYR C 50 -31.50 20.81 -11.33
CA TYR C 50 -30.21 20.14 -11.38
C TYR C 50 -30.29 18.86 -10.58
N ILE C 51 -29.81 17.76 -11.16
CA ILE C 51 -29.70 16.48 -10.47
C ILE C 51 -28.25 16.02 -10.53
N SER C 52 -27.73 15.59 -9.39
CA SER C 52 -26.32 15.24 -9.29
C SER C 52 -26.06 13.90 -9.97
N SER C 53 -24.79 13.49 -9.97
CA SER C 53 -24.43 12.17 -10.47
C SER C 53 -24.87 11.11 -9.46
N GLY C 54 -25.68 10.17 -9.91
CA GLY C 54 -26.27 9.20 -9.01
C GLY C 54 -27.52 9.67 -8.31
N SER C 55 -28.06 10.82 -8.70
CA SER C 55 -29.30 11.39 -8.15
C SER C 55 -29.16 11.77 -6.68
N GLY C 56 -27.94 11.92 -6.19
CA GLY C 56 -27.76 12.22 -4.77
C GLY C 56 -28.29 13.60 -4.39
N THR C 57 -28.01 14.61 -5.19
CA THR C 57 -28.34 16.00 -4.88
C THR C 57 -29.23 16.56 -5.98
N ILE C 58 -30.31 17.22 -5.57
CA ILE C 58 -31.31 17.77 -6.50
C ILE C 58 -31.61 19.19 -6.08
N TYR C 59 -31.66 20.10 -7.04
CA TYR C 59 -32.00 21.49 -6.79
C TYR C 59 -33.02 21.97 -7.81
N TYR C 60 -33.84 22.93 -7.42
CA TYR C 60 -34.84 23.52 -8.28
C TYR C 60 -34.76 25.03 -8.18
N ALA C 61 -35.21 25.70 -9.24
CA ALA C 61 -35.36 27.14 -9.18
C ALA C 61 -36.51 27.50 -8.26
N ASP C 62 -36.46 28.72 -7.72
CA ASP C 62 -37.50 29.16 -6.80
C ASP C 62 -38.85 29.32 -7.48
N THR C 63 -38.88 29.44 -8.80
CA THR C 63 -40.11 29.62 -9.55
C THR C 63 -40.68 28.31 -10.08
N VAL C 64 -40.03 27.18 -9.80
CA VAL C 64 -40.51 25.89 -10.30
C VAL C 64 -40.60 24.90 -9.14
N LYS C 65 -39.95 25.23 -8.02
CA LYS C 65 -39.89 24.29 -6.90
C LYS C 65 -41.29 23.99 -6.37
N GLY C 66 -41.56 22.70 -6.17
CA GLY C 66 -42.87 22.26 -5.75
C GLY C 66 -43.80 21.85 -6.88
N ARG C 67 -43.46 22.19 -8.11
CA ARG C 67 -44.25 21.81 -9.28
C ARG C 67 -43.47 20.95 -10.26
N PHE C 68 -42.20 21.27 -10.49
CA PHE C 68 -41.35 20.52 -11.41
C PHE C 68 -40.56 19.49 -10.63
N THR C 69 -40.37 18.32 -11.24
CA THR C 69 -39.60 17.23 -10.65
C THR C 69 -38.60 16.72 -11.67
N ILE C 70 -37.33 16.65 -11.28
CA ILE C 70 -36.26 16.22 -12.17
C ILE C 70 -35.78 14.84 -11.72
N SER C 71 -35.57 13.96 -12.69
CA SER C 71 -35.11 12.60 -12.40
C SER C 71 -34.32 12.10 -13.60
N ARG C 72 -33.50 11.09 -13.35
CA ARG C 72 -32.65 10.48 -14.37
C ARG C 72 -32.75 8.97 -14.30
N ASP C 73 -32.54 8.33 -15.45
CA ASP C 73 -32.50 6.87 -15.57
C ASP C 73 -31.12 6.52 -16.10
N ASP C 74 -30.18 6.26 -15.19
CA ASP C 74 -28.79 6.00 -15.59
C ASP C 74 -28.64 4.78 -16.49
N PRO C 75 -29.26 3.62 -16.21
CA PRO C 75 -29.13 2.50 -17.14
C PRO C 75 -29.65 2.80 -18.53
N LYS C 76 -30.68 3.63 -18.66
CA LYS C 76 -31.23 3.99 -19.96
C LYS C 76 -30.66 5.29 -20.51
N ASN C 77 -29.75 5.94 -19.77
CA ASN C 77 -29.12 7.19 -20.19
C ASN C 77 -30.17 8.25 -20.55
N THR C 78 -31.20 8.34 -19.71
CA THR C 78 -32.32 9.24 -19.98
C THR C 78 -32.52 10.16 -18.79
N LEU C 79 -32.81 11.43 -19.08
CA LEU C 79 -33.11 12.44 -18.08
C LEU C 79 -34.53 12.93 -18.28
N PHE C 80 -35.31 12.97 -17.20
CA PHE C 80 -36.70 13.37 -17.26
C PHE C 80 -36.92 14.66 -16.46
N LEU C 81 -37.96 15.39 -16.84
CA LEU C 81 -38.43 16.53 -16.07
C LEU C 81 -39.95 16.48 -16.07
N GLN C 82 -40.54 16.15 -14.92
CA GLN C 82 -41.98 16.11 -14.77
C GLN C 82 -42.49 17.49 -14.35
N MET C 83 -43.42 18.04 -15.12
CA MET C 83 -44.01 19.33 -14.83
C MET C 83 -45.49 19.15 -14.54
N THR C 84 -45.93 19.70 -13.40
CA THR C 84 -47.32 19.65 -13.00
C THR C 84 -47.82 21.07 -12.76
N SER C 85 -49.08 21.31 -13.11
CA SER C 85 -49.72 22.62 -12.93
C SER C 85 -48.96 23.71 -13.68
N LEU C 86 -48.81 23.50 -14.98
CA LEU C 86 -48.15 24.48 -15.83
C LEU C 86 -49.02 25.70 -16.03
N ARG C 87 -48.44 26.88 -15.81
CA ARG C 87 -49.15 28.14 -15.97
C ARG C 87 -48.56 28.93 -17.13
N SER C 88 -49.20 30.06 -17.44
CA SER C 88 -48.87 30.76 -18.69
C SER C 88 -47.64 31.65 -18.57
N GLU C 89 -46.59 31.13 -17.94
CA GLU C 89 -45.26 31.71 -18.09
C GLU C 89 -44.18 30.64 -18.17
N ASP C 90 -44.56 29.36 -18.19
CA ASP C 90 -43.61 28.27 -18.39
C ASP C 90 -43.41 27.96 -19.86
N THR C 91 -44.06 28.68 -20.77
CA THR C 91 -43.82 28.51 -22.18
C THR C 91 -42.41 28.99 -22.53
N ALA C 92 -41.59 28.08 -23.04
CA ALA C 92 -40.18 28.36 -23.29
C ALA C 92 -39.60 27.19 -24.09
N MET C 93 -38.32 27.30 -24.41
CA MET C 93 -37.54 26.21 -24.98
C MET C 93 -36.64 25.65 -23.90
N TYR C 94 -36.73 24.34 -23.67
CA TYR C 94 -36.04 23.70 -22.56
C TYR C 94 -34.79 23.01 -23.06
N TYR C 95 -33.64 23.39 -22.50
CA TYR C 95 -32.35 22.82 -22.88
C TYR C 95 -31.87 21.88 -21.79
N CYS C 96 -31.34 20.75 -22.20
CA CYS C 96 -30.67 19.82 -21.30
C CYS C 96 -29.17 20.06 -21.38
N VAL C 97 -28.53 20.20 -20.22
CA VAL C 97 -27.12 20.54 -20.14
C VAL C 97 -26.42 19.49 -19.30
N ARG C 98 -25.26 19.03 -19.77
CA ARG C 98 -24.42 18.13 -19.00
C ARG C 98 -23.32 18.94 -18.32
N SER C 99 -22.91 18.47 -17.14
CA SER C 99 -21.89 19.19 -16.37
C SER C 99 -21.29 18.25 -15.34
N ILE C 100 -19.97 18.06 -15.40
CA ILE C 100 -19.24 17.17 -14.51
C ILE C 100 -18.34 18.02 -13.64
N TYR C 101 -18.29 17.69 -12.34
CA TYR C 101 -17.58 18.50 -11.35
C TYR C 101 -16.47 17.69 -10.72
N TYR C 102 -15.23 18.03 -11.06
CA TYR C 102 -14.04 17.64 -10.32
C TYR C 102 -13.04 18.76 -10.50
N TYR C 103 -11.85 18.61 -9.90
CA TYR C 103 -10.86 19.68 -9.98
C TYR C 103 -10.39 19.85 -11.42
N GLY C 104 -10.59 21.05 -11.96
CA GLY C 104 -10.19 21.34 -13.32
C GLY C 104 -11.18 20.98 -14.39
N SER C 105 -12.37 20.50 -14.01
CA SER C 105 -13.36 20.12 -15.00
C SER C 105 -13.97 21.36 -15.66
N SER C 106 -14.83 21.11 -16.65
CA SER C 106 -15.47 22.17 -17.43
C SER C 106 -16.97 21.93 -17.43
N PRO C 107 -17.68 22.41 -16.40
CA PRO C 107 -19.13 22.23 -16.36
C PRO C 107 -19.84 23.00 -17.46
N PHE C 108 -21.06 22.57 -17.76
CA PHE C 108 -21.90 23.17 -18.79
C PHE C 108 -21.25 23.10 -20.16
N ASP C 109 -20.49 22.04 -20.42
CA ASP C 109 -19.71 21.96 -21.65
C ASP C 109 -20.61 21.70 -22.86
N PHE C 110 -21.55 20.78 -22.75
CA PHE C 110 -22.41 20.41 -23.85
C PHE C 110 -23.87 20.73 -23.51
N TRP C 111 -24.60 21.24 -24.50
CA TRP C 111 -26.00 21.64 -24.35
C TRP C 111 -26.85 20.88 -25.34
N GLY C 112 -28.03 20.46 -24.91
CA GLY C 112 -28.92 19.73 -25.77
C GLY C 112 -29.52 20.60 -26.86
N GLN C 113 -30.21 19.92 -27.79
CA GLN C 113 -30.82 20.64 -28.90
C GLN C 113 -31.94 21.54 -28.44
N GLY C 114 -32.72 21.10 -27.45
CA GLY C 114 -33.79 21.92 -26.92
C GLY C 114 -35.16 21.55 -27.48
N THR C 115 -36.17 21.49 -26.62
CA THR C 115 -37.54 21.23 -27.03
C THR C 115 -38.42 22.38 -26.57
N THR C 116 -39.39 22.74 -27.40
CA THR C 116 -40.24 23.90 -27.16
C THR C 116 -41.56 23.48 -26.51
N LEU C 117 -41.94 24.20 -25.46
CA LEU C 117 -43.20 23.97 -24.75
C LEU C 117 -43.99 25.26 -24.77
N THR C 118 -45.26 25.17 -25.16
CA THR C 118 -46.14 26.32 -25.26
C THR C 118 -47.42 26.04 -24.52
N VAL C 119 -47.83 26.97 -23.66
CA VAL C 119 -49.06 26.85 -22.89
C VAL C 119 -49.90 28.09 -23.13
N SER C 120 -51.21 27.94 -22.93
CA SER C 120 -52.18 29.02 -23.16
C SER C 120 -52.09 29.57 -24.58
N SER C 136 -31.45 38.00 -2.20
CA SER C 136 -31.81 36.59 -2.17
C SER C 136 -30.86 35.75 -3.00
N ASP C 137 -30.71 36.12 -4.27
CA ASP C 137 -29.83 35.42 -5.18
C ASP C 137 -29.05 36.44 -6.01
N ILE C 138 -27.90 36.00 -6.53
CA ILE C 138 -27.02 36.90 -7.27
C ILE C 138 -27.70 37.32 -8.56
N VAL C 139 -27.79 38.63 -8.78
CA VAL C 139 -28.29 39.19 -10.03
C VAL C 139 -27.10 39.59 -10.88
N MET C 140 -27.06 39.11 -12.11
CA MET C 140 -25.95 39.34 -13.02
C MET C 140 -26.42 40.35 -14.06
N THR C 141 -25.98 41.59 -13.90
CA THR C 141 -26.39 42.69 -14.77
C THR C 141 -25.41 42.79 -15.94
N GLN C 142 -25.91 42.61 -17.15
CA GLN C 142 -25.08 42.64 -18.35
C GLN C 142 -25.18 43.97 -19.08
N ALA C 143 -25.97 44.92 -18.56
CA ALA C 143 -26.02 46.29 -19.05
C ALA C 143 -26.40 46.35 -20.52
N THR C 144 -25.41 46.49 -21.40
CA THR C 144 -25.67 46.62 -22.82
C THR C 144 -26.34 45.36 -23.36
N SER C 145 -27.15 45.55 -24.40
CA SER C 145 -27.93 44.46 -24.97
C SER C 145 -27.72 44.26 -26.46
N SER C 146 -27.32 45.30 -27.20
CA SER C 146 -27.06 45.18 -28.62
C SER C 146 -25.90 46.09 -28.99
N VAL C 147 -24.90 45.54 -29.68
CA VAL C 147 -23.72 46.30 -30.08
C VAL C 147 -23.41 46.01 -31.55
N PRO C 148 -23.62 46.95 -32.46
CA PRO C 148 -23.24 46.73 -33.86
C PRO C 148 -21.73 46.61 -33.99
N VAL C 149 -21.31 45.79 -34.96
CA VAL C 149 -19.91 45.48 -35.15
C VAL C 149 -19.69 45.00 -36.58
N THR C 150 -18.48 45.17 -37.08
CA THR C 150 -18.02 44.69 -38.37
C THR C 150 -16.96 43.61 -38.17
N PRO C 151 -16.85 42.64 -39.08
CA PRO C 151 -15.85 41.59 -38.92
C PRO C 151 -14.44 42.15 -38.89
N GLY C 152 -13.59 41.50 -38.09
CA GLY C 152 -12.22 41.92 -37.92
C GLY C 152 -11.98 43.00 -36.89
N GLU C 153 -13.01 43.40 -36.15
CA GLU C 153 -12.91 44.46 -35.16
C GLU C 153 -13.05 43.86 -33.77
N SER C 154 -12.10 44.17 -32.88
CA SER C 154 -12.11 43.61 -31.54
C SER C 154 -13.29 44.15 -30.74
N VAL C 155 -13.93 43.27 -29.97
CA VAL C 155 -15.10 43.60 -29.18
C VAL C 155 -14.87 43.20 -27.74
N SER C 156 -15.37 44.01 -26.81
CA SER C 156 -15.35 43.70 -25.38
C SER C 156 -16.77 43.67 -24.87
N ILE C 157 -17.15 42.56 -24.22
CA ILE C 157 -18.47 42.40 -23.65
C ILE C 157 -18.33 42.47 -22.14
N SER C 158 -18.98 43.44 -21.52
CA SER C 158 -18.84 43.70 -20.10
C SER C 158 -19.87 42.89 -19.32
N CYS C 159 -19.64 42.80 -18.00
CA CYS C 159 -20.53 42.07 -17.11
C CYS C 159 -20.42 42.65 -15.71
N ARG C 160 -21.45 42.41 -14.91
CA ARG C 160 -21.45 42.86 -13.52
C ARG C 160 -22.19 41.84 -12.67
N SER C 161 -21.83 41.78 -11.39
CA SER C 161 -22.41 40.86 -10.43
C SER C 161 -22.75 41.61 -9.15
N SER C 162 -23.88 41.26 -8.54
CA SER C 162 -24.25 41.88 -7.28
C SER C 162 -23.26 41.51 -6.18
N LYS C 163 -22.86 40.25 -6.12
CA LYS C 163 -21.94 39.75 -5.12
C LYS C 163 -20.68 39.22 -5.80
N SER C 164 -19.55 39.38 -5.12
CA SER C 164 -18.28 38.94 -5.66
C SER C 164 -18.29 37.44 -5.94
N LEU C 165 -17.96 37.06 -7.17
CA LEU C 165 -17.96 35.67 -7.59
C LEU C 165 -16.66 34.95 -7.25
N LEU C 166 -15.69 35.65 -6.69
CA LEU C 166 -14.43 35.04 -6.31
C LEU C 166 -14.58 34.37 -4.95
N HIS C 167 -14.17 33.11 -4.88
CA HIS C 167 -14.27 32.31 -3.66
C HIS C 167 -12.95 32.33 -2.90
N SER C 168 -13.01 31.87 -1.65
CA SER C 168 -11.82 31.81 -0.83
C SER C 168 -10.78 30.83 -1.36
N ASN C 169 -11.19 29.88 -2.21
CA ASN C 169 -10.23 28.95 -2.79
C ASN C 169 -9.55 29.50 -4.04
N GLY C 170 -9.98 30.66 -4.54
CA GLY C 170 -9.32 31.29 -5.66
C GLY C 170 -10.00 31.13 -7.00
N ASN C 171 -11.20 30.54 -7.04
CA ASN C 171 -11.91 30.32 -8.28
C ASN C 171 -13.01 31.36 -8.44
N THR C 172 -13.00 32.07 -9.56
CA THR C 172 -14.01 33.09 -9.88
C THR C 172 -15.05 32.43 -10.77
N TYR C 173 -16.16 32.00 -10.16
CA TYR C 173 -17.17 31.21 -10.86
C TYR C 173 -18.02 32.11 -11.75
N LEU C 174 -17.49 32.42 -12.92
CA LEU C 174 -18.23 33.08 -13.98
C LEU C 174 -18.10 32.28 -15.26
N TYR C 175 -19.22 32.01 -15.92
CA TYR C 175 -19.24 31.21 -17.14
C TYR C 175 -19.78 32.07 -18.28
N TRP C 176 -19.17 31.92 -19.45
CA TRP C 176 -19.56 32.67 -20.64
C TRP C 176 -20.09 31.70 -21.69
N PHE C 177 -21.31 31.97 -22.16
CA PHE C 177 -21.95 31.15 -23.18
C PHE C 177 -22.26 31.99 -24.40
N LEU C 178 -22.23 31.36 -25.57
CA LEU C 178 -22.63 31.97 -26.83
C LEU C 178 -23.76 31.18 -27.43
N GLN C 179 -24.84 31.87 -27.78
CA GLN C 179 -25.98 31.27 -28.46
C GLN C 179 -26.06 31.86 -29.85
N ARG C 180 -25.59 31.12 -30.84
CA ARG C 180 -25.69 31.55 -32.22
C ARG C 180 -27.15 31.56 -32.65
N PRO C 181 -27.51 32.39 -33.64
CA PRO C 181 -28.92 32.45 -34.07
C PRO C 181 -29.43 31.10 -34.54
N GLY C 182 -30.53 30.67 -33.93
CA GLY C 182 -31.10 29.37 -34.24
C GLY C 182 -30.25 28.20 -33.81
N GLN C 183 -29.61 28.29 -32.64
CA GLN C 183 -28.73 27.23 -32.17
C GLN C 183 -28.73 27.24 -30.64
N SER C 184 -28.31 26.12 -30.07
CA SER C 184 -28.21 26.00 -28.62
C SER C 184 -26.99 26.77 -28.12
N PRO C 185 -27.00 27.18 -26.85
CA PRO C 185 -25.83 27.86 -26.29
C PRO C 185 -24.59 26.98 -26.28
N GLN C 186 -23.44 27.62 -26.44
CA GLN C 186 -22.15 26.94 -26.45
C GLN C 186 -21.26 27.58 -25.40
N LEU C 187 -20.63 26.75 -24.57
CA LEU C 187 -19.71 27.26 -23.56
C LEU C 187 -18.48 27.84 -24.22
N LEU C 188 -18.13 29.07 -23.90
CA LEU C 188 -16.92 29.75 -24.42
C LEU C 188 -15.86 29.83 -23.31
N ILE C 189 -16.18 30.27 -22.13
CA ILE C 189 -15.20 30.46 -21.04
C ILE C 189 -15.77 29.96 -19.71
N TYR C 190 -15.09 29.08 -19.01
CA TYR C 190 -15.51 28.55 -17.69
C TYR C 190 -14.70 29.24 -16.64
N ARG C 191 -15.20 29.30 -15.43
CA ARG C 191 -14.54 29.96 -14.27
C ARG C 191 -13.79 31.22 -14.70
N MET C 192 -14.43 32.13 -15.43
CA MET C 192 -13.89 33.48 -15.79
C MET C 192 -12.79 33.53 -16.85
N SER C 193 -11.73 32.75 -16.74
CA SER C 193 -10.58 32.88 -17.66
C SER C 193 -10.33 31.60 -18.44
N ASN C 194 -10.92 30.48 -18.03
CA ASN C 194 -10.59 29.18 -18.65
C ASN C 194 -11.34 29.13 -19.98
N LEU C 195 -10.68 28.71 -21.04
CA LEU C 195 -11.28 28.75 -22.40
C LEU C 195 -11.60 27.32 -22.69
N ALA C 196 -12.85 27.11 -23.04
CA ALA C 196 -13.35 25.76 -23.20
C ALA C 196 -12.70 25.07 -24.39
N SER C 197 -12.65 23.74 -24.33
CA SER C 197 -12.03 22.97 -25.41
C SER C 197 -12.86 23.09 -26.68
N GLY C 198 -12.16 23.21 -27.82
CA GLY C 198 -12.81 23.42 -29.08
C GLY C 198 -13.17 24.85 -29.38
N VAL C 199 -12.82 25.79 -28.51
CA VAL C 199 -13.12 27.21 -28.71
C VAL C 199 -11.87 27.87 -29.26
N PRO C 200 -12.00 28.75 -30.26
CA PRO C 200 -10.81 29.43 -30.80
C PRO C 200 -10.13 30.28 -29.73
N ASP C 201 -8.81 30.45 -29.89
CA ASP C 201 -8.02 31.22 -28.94
C ASP C 201 -8.38 32.70 -28.94
N ARG C 202 -9.22 33.16 -29.86
CA ARG C 202 -9.56 34.57 -29.93
C ARG C 202 -10.24 35.04 -28.64
N PHE C 203 -11.16 34.23 -28.12
CA PHE C 203 -11.91 34.61 -26.94
C PHE C 203 -11.01 34.63 -25.70
N SER C 204 -11.29 35.57 -24.80
CA SER C 204 -10.54 35.69 -23.56
C SER C 204 -11.47 36.23 -22.49
N GLY C 205 -11.12 35.96 -21.23
CA GLY C 205 -11.92 36.39 -20.10
C GLY C 205 -11.07 37.06 -19.05
N SER C 206 -11.66 38.05 -18.39
CA SER C 206 -10.97 38.82 -17.36
C SER C 206 -12.00 39.44 -16.43
N GLY C 207 -11.52 39.96 -15.30
CA GLY C 207 -12.38 40.54 -14.30
C GLY C 207 -12.07 40.01 -12.91
N SER C 208 -11.99 40.89 -11.91
CA SER C 208 -11.48 40.45 -10.61
C SER C 208 -12.55 39.76 -9.77
N GLY C 209 -13.55 40.51 -9.30
CA GLY C 209 -14.58 39.89 -8.51
C GLY C 209 -16.02 40.23 -8.87
N THR C 210 -16.24 41.38 -9.49
CA THR C 210 -17.60 41.80 -9.85
C THR C 210 -17.74 42.37 -11.24
N ALA C 211 -16.69 42.90 -11.85
CA ALA C 211 -16.76 43.50 -13.18
C ALA C 211 -15.93 42.65 -14.13
N PHE C 212 -16.61 41.95 -15.03
CA PHE C 212 -15.97 41.03 -15.94
C PHE C 212 -16.12 41.51 -17.38
N THR C 213 -15.10 41.23 -18.19
CA THR C 213 -15.09 41.64 -19.59
C THR C 213 -14.71 40.46 -20.46
N LEU C 214 -15.48 40.27 -21.54
CA LEU C 214 -15.20 39.23 -22.52
C LEU C 214 -14.54 39.88 -23.74
N THR C 215 -13.35 39.40 -24.10
CA THR C 215 -12.57 39.98 -25.18
C THR C 215 -12.54 39.03 -26.36
N ILE C 216 -12.83 39.57 -27.55
CA ILE C 216 -12.69 38.84 -28.81
C ILE C 216 -11.71 39.64 -29.66
N SER C 217 -10.49 39.12 -29.79
CA SER C 217 -9.44 39.88 -30.49
C SER C 217 -9.81 40.09 -31.95
N ARG C 218 -10.31 39.06 -32.62
CA ARG C 218 -10.75 39.15 -34.00
C ARG C 218 -12.16 38.59 -34.11
N LEU C 219 -13.02 39.29 -34.85
CA LEU C 219 -14.41 38.90 -35.00
C LEU C 219 -14.62 38.29 -36.37
N GLU C 220 -15.16 37.08 -36.40
CA GLU C 220 -15.51 36.38 -37.63
C GLU C 220 -17.03 36.42 -37.83
N ALA C 221 -17.46 35.89 -38.97
CA ALA C 221 -18.89 35.81 -39.25
C ALA C 221 -19.59 34.80 -38.36
N GLU C 222 -18.85 33.91 -37.71
CA GLU C 222 -19.42 32.89 -36.84
C GLU C 222 -19.55 33.35 -35.39
N ASP C 223 -19.11 34.56 -35.07
CA ASP C 223 -19.17 35.06 -33.70
C ASP C 223 -20.43 35.87 -33.41
N VAL C 224 -21.33 35.99 -34.39
CA VAL C 224 -22.56 36.75 -34.17
C VAL C 224 -23.54 35.94 -33.35
N GLY C 225 -24.27 36.62 -32.47
CA GLY C 225 -25.24 35.97 -31.63
C GLY C 225 -25.36 36.70 -30.32
N VAL C 226 -26.00 36.03 -29.35
CA VAL C 226 -26.24 36.59 -28.02
C VAL C 226 -25.30 35.90 -27.06
N TYR C 227 -24.51 36.67 -26.32
CA TYR C 227 -23.55 36.15 -25.37
C TYR C 227 -24.12 36.29 -23.97
N TYR C 228 -24.07 35.20 -23.21
CA TYR C 228 -24.67 35.15 -21.88
C TYR C 228 -23.60 34.92 -20.82
N CYS C 229 -23.84 35.47 -19.64
CA CYS C 229 -22.96 35.31 -18.50
C CYS C 229 -23.72 34.58 -17.40
N MET C 230 -23.02 33.66 -16.73
CA MET C 230 -23.66 32.86 -15.69
C MET C 230 -22.75 32.82 -14.47
N GLN C 231 -23.36 32.85 -13.29
CA GLN C 231 -22.65 32.63 -12.05
C GLN C 231 -22.86 31.20 -11.59
N HIS C 232 -21.78 30.58 -11.09
CA HIS C 232 -21.89 29.26 -10.51
C HIS C 232 -21.44 29.26 -9.05
N LEU C 233 -21.44 30.43 -8.41
CA LEU C 233 -21.01 30.50 -7.01
C LEU C 233 -22.00 29.83 -6.09
N GLU C 234 -23.29 30.11 -6.26
CA GLU C 234 -24.33 29.54 -5.42
C GLU C 234 -25.43 28.95 -6.29
N TYR C 235 -26.02 27.86 -5.80
CA TYR C 235 -26.83 26.92 -6.56
C TYR C 235 -28.06 27.52 -7.24
N PRO C 236 -28.64 28.62 -6.76
CA PRO C 236 -29.60 29.34 -7.61
C PRO C 236 -28.89 30.02 -8.76
N LEU C 237 -28.50 29.26 -9.78
CA LEU C 237 -27.72 29.79 -10.89
C LEU C 237 -28.53 30.79 -11.69
N THR C 238 -27.92 31.93 -12.00
CA THR C 238 -28.58 33.02 -12.68
C THR C 238 -27.79 33.46 -13.89
N PHE C 239 -28.49 33.95 -14.90
CA PHE C 239 -27.91 34.37 -16.16
C PHE C 239 -28.08 35.87 -16.33
N GLY C 240 -27.33 36.42 -17.29
CA GLY C 240 -27.51 37.80 -17.69
C GLY C 240 -28.57 37.95 -18.76
N ALA C 241 -28.88 39.20 -19.09
CA ALA C 241 -29.87 39.47 -20.13
C ALA C 241 -29.34 39.12 -21.51
N GLY C 242 -28.03 39.25 -21.72
CA GLY C 242 -27.43 38.91 -23.01
C GLY C 242 -27.11 40.12 -23.86
N THR C 243 -25.94 40.09 -24.51
CA THR C 243 -25.52 41.13 -25.44
C THR C 243 -25.58 40.58 -26.85
N LYS C 244 -26.22 41.32 -27.75
CA LYS C 244 -26.39 40.88 -29.13
C LYS C 244 -25.40 41.63 -30.03
N LEU C 245 -24.52 40.88 -30.69
CA LEU C 245 -23.61 41.43 -31.69
C LEU C 245 -24.16 41.11 -33.07
N GLU C 246 -24.37 42.15 -33.87
CA GLU C 246 -24.90 42.01 -35.22
C GLU C 246 -24.04 42.84 -36.18
N LEU C 247 -24.09 42.44 -37.45
CA LEU C 247 -23.29 43.10 -38.48
C LEU C 247 -24.04 44.26 -39.11
N GLU D 8 41.22 -12.46 -29.06
CA GLU D 8 41.16 -13.43 -27.97
C GLU D 8 40.39 -12.86 -26.79
N LEU D 9 39.64 -13.73 -26.10
CA LEU D 9 38.84 -13.31 -24.96
C LEU D 9 39.73 -12.75 -23.85
N ASP D 10 40.88 -13.38 -23.60
CA ASP D 10 41.78 -12.90 -22.57
C ASP D 10 42.30 -11.50 -22.90
N GLN D 11 42.66 -11.26 -24.16
CA GLN D 11 43.15 -9.94 -24.56
C GLN D 11 42.06 -8.89 -24.40
N LEU D 12 40.81 -9.22 -24.76
CA LEU D 12 39.72 -8.28 -24.59
C LEU D 12 39.49 -7.96 -23.12
N ARG D 13 39.56 -8.97 -22.25
CA ARG D 13 39.42 -8.73 -20.82
C ARG D 13 40.55 -7.85 -20.30
N GLN D 14 41.77 -8.09 -20.75
CA GLN D 14 42.90 -7.27 -20.32
C GLN D 14 42.73 -5.83 -20.77
N GLU D 15 42.27 -5.62 -22.01
CA GLU D 15 42.03 -4.25 -22.48
C GLU D 15 40.93 -3.59 -21.66
N ALA D 16 39.86 -4.32 -21.34
CA ALA D 16 38.78 -3.75 -20.55
C ALA D 16 39.25 -3.35 -19.16
N GLU D 17 40.04 -4.21 -18.51
CA GLU D 17 40.52 -3.87 -17.17
C GLU D 17 41.55 -2.73 -17.21
N GLN D 18 42.36 -2.67 -18.27
CA GLN D 18 43.26 -1.54 -18.42
C GLN D 18 42.50 -0.23 -18.58
N LEU D 19 41.42 -0.25 -19.37
CA LEU D 19 40.61 0.95 -19.52
C LEU D 19 39.93 1.32 -18.21
N LYS D 20 39.47 0.33 -17.45
CA LYS D 20 38.90 0.60 -16.14
C LYS D 20 39.91 1.25 -15.21
N ASN D 21 41.15 0.74 -15.20
CA ASN D 21 42.19 1.34 -14.38
C ASN D 21 42.50 2.76 -14.83
N GLN D 22 42.53 3.00 -16.13
CA GLN D 22 42.77 4.34 -16.65
C GLN D 22 41.67 5.31 -16.21
N ILE D 23 40.42 4.88 -16.29
CA ILE D 23 39.30 5.73 -15.88
C ILE D 23 39.38 6.00 -14.38
N ARG D 24 39.70 4.98 -13.58
CA ARG D 24 39.82 5.17 -12.14
C ARG D 24 40.94 6.15 -11.82
N ASP D 25 42.07 6.04 -12.52
CA ASP D 25 43.19 6.95 -12.27
C ASP D 25 42.83 8.38 -12.68
N ALA D 26 42.10 8.54 -13.78
CA ALA D 26 41.65 9.87 -14.17
C ALA D 26 40.71 10.47 -13.13
N ARG D 27 39.79 9.66 -12.60
CA ARG D 27 38.90 10.14 -11.55
C ARG D 27 39.69 10.53 -10.31
N LYS D 28 40.68 9.71 -9.93
CA LYS D 28 41.48 10.02 -8.76
C LYS D 28 42.27 11.32 -8.96
N ALA D 29 42.81 11.52 -10.16
CA ALA D 29 43.55 12.75 -10.44
C ALA D 29 42.63 13.97 -10.40
N CYS D 30 41.40 13.82 -10.90
CA CYS D 30 40.47 14.95 -10.93
C CYS D 30 39.95 15.33 -9.55
N ALA D 31 40.20 14.53 -8.52
CA ALA D 31 39.69 14.80 -7.18
C ALA D 31 40.75 15.57 -6.39
N ASP D 32 40.37 16.76 -5.92
CA ASP D 32 41.25 17.60 -5.10
C ASP D 32 40.82 17.60 -3.64
N ALA D 33 39.56 17.94 -3.38
CA ALA D 33 39.03 18.00 -2.02
C ALA D 33 37.60 17.51 -2.02
N THR D 34 37.25 16.75 -0.99
CA THR D 34 35.90 16.20 -0.89
C THR D 34 34.87 17.31 -0.69
N LEU D 35 33.61 16.96 -0.98
CA LEU D 35 32.53 17.92 -0.79
C LEU D 35 32.38 18.34 0.66
N SER D 36 32.69 17.44 1.60
CA SER D 36 32.59 17.79 3.02
C SER D 36 33.60 18.87 3.40
N GLN D 37 34.82 18.77 2.89
CA GLN D 37 35.82 19.80 3.18
C GLN D 37 35.38 21.15 2.65
N ILE D 38 34.81 21.18 1.45
CA ILE D 38 34.32 22.44 0.89
C ILE D 38 33.17 22.99 1.74
N THR D 39 32.18 22.15 2.02
CA THR D 39 31.05 22.56 2.87
C THR D 39 31.26 22.17 4.32
N ASN D 40 32.43 22.52 4.87
CA ASN D 40 32.67 22.36 6.30
C ASN D 40 32.26 23.60 7.09
N ASN D 41 32.33 24.78 6.47
CA ASN D 41 31.97 26.03 7.14
C ASN D 41 30.51 26.41 6.95
N ILE D 42 29.74 25.62 6.19
CA ILE D 42 28.35 25.94 5.93
C ILE D 42 27.53 25.78 7.20
N ASP D 43 26.64 26.73 7.45
CA ASP D 43 25.80 26.69 8.64
C ASP D 43 24.92 25.44 8.61
N PRO D 44 24.81 24.72 9.73
CA PRO D 44 23.97 23.51 9.75
C PRO D 44 22.52 23.84 9.44
N VAL D 45 21.86 22.89 8.77
CA VAL D 45 20.48 23.11 8.34
C VAL D 45 19.54 23.20 9.53
N GLY D 46 19.88 22.57 10.65
CA GLY D 46 19.01 22.52 11.80
C GLY D 46 17.98 21.41 11.68
N ARG D 47 17.25 21.19 12.78
CA ARG D 47 16.23 20.16 12.79
C ARG D 47 15.08 20.53 11.85
N ILE D 48 14.64 19.55 11.07
CA ILE D 48 13.57 19.74 10.09
C ILE D 48 12.36 18.94 10.56
N GLN D 49 11.31 19.63 10.96
CA GLN D 49 10.09 18.99 11.44
C GLN D 49 9.00 19.17 10.39
N MET D 50 8.47 18.05 9.90
CA MET D 50 7.35 18.04 8.98
C MET D 50 6.21 17.25 9.61
N ARG D 51 5.00 17.78 9.52
CA ARG D 51 3.82 17.12 10.05
C ARG D 51 2.88 16.76 8.92
N THR D 52 2.14 15.67 9.11
CA THR D 52 1.25 15.14 8.09
C THR D 52 0.07 16.10 7.92
N ARG D 53 0.09 16.88 6.84
CA ARG D 53 -1.03 17.75 6.54
C ARG D 53 -2.23 16.94 6.06
N ARG D 54 -2.02 16.01 5.14
CA ARG D 54 -3.08 15.22 4.54
C ARG D 54 -2.70 13.75 4.60
N THR D 55 -3.71 12.91 4.82
CA THR D 55 -3.57 11.45 4.72
C THR D 55 -4.56 10.97 3.67
N LEU D 56 -4.04 10.44 2.58
CA LEU D 56 -4.86 10.06 1.42
C LEU D 56 -5.22 8.59 1.58
N ARG D 57 -6.48 8.34 1.93
CA ARG D 57 -6.99 6.99 2.17
C ARG D 57 -7.85 6.54 1.01
N GLY D 58 -7.90 5.23 0.79
CA GLY D 58 -8.71 4.68 -0.28
C GLY D 58 -8.08 3.50 -0.99
N HIS D 59 -6.76 3.42 -0.98
CA HIS D 59 -6.09 2.24 -1.53
C HIS D 59 -6.24 1.06 -0.58
N LEU D 60 -6.58 -0.10 -1.14
CA LEU D 60 -6.80 -1.31 -0.35
C LEU D 60 -5.65 -2.30 -0.45
N ALA D 61 -4.52 -1.88 -1.00
CA ALA D 61 -3.34 -2.72 -1.08
C ALA D 61 -2.11 -1.83 -1.07
N LYS D 62 -0.94 -2.45 -1.00
CA LYS D 62 0.30 -1.69 -0.90
C LYS D 62 0.50 -0.80 -2.11
N ILE D 63 1.04 0.39 -1.86
CA ILE D 63 1.29 1.39 -2.90
C ILE D 63 2.73 1.23 -3.36
N TYR D 64 2.91 1.06 -4.67
CA TYR D 64 4.24 0.93 -5.25
C TYR D 64 4.80 2.22 -5.81
N ALA D 65 3.95 3.12 -6.32
CA ALA D 65 4.45 4.32 -6.96
C ALA D 65 3.46 5.47 -6.79
N MET D 66 3.99 6.69 -6.85
CA MET D 66 3.21 7.90 -6.95
C MET D 66 3.95 8.90 -7.83
N HIS D 67 3.21 9.83 -8.41
CA HIS D 67 3.84 10.92 -9.15
C HIS D 67 3.02 12.19 -8.97
N TRP D 68 3.72 13.30 -8.76
CA TRP D 68 3.08 14.61 -8.63
C TRP D 68 2.78 15.19 -10.01
N GLY D 69 1.70 15.96 -10.07
CA GLY D 69 1.45 16.75 -11.26
C GLY D 69 2.27 18.03 -11.27
N THR D 70 2.42 18.61 -12.46
CA THR D 70 3.18 19.84 -12.58
C THR D 70 2.46 21.01 -11.92
N ASP D 71 1.14 20.93 -11.79
CA ASP D 71 0.39 21.94 -11.06
C ASP D 71 0.61 21.87 -9.56
N SER D 72 1.28 20.82 -9.07
CA SER D 72 1.64 20.61 -7.67
C SER D 72 0.44 20.34 -6.78
N ARG D 73 -0.74 20.15 -7.35
CA ARG D 73 -1.95 19.89 -6.60
C ARG D 73 -2.52 18.51 -6.87
N LEU D 74 -2.40 18.02 -8.10
CA LEU D 74 -2.88 16.69 -8.46
C LEU D 74 -1.72 15.71 -8.43
N LEU D 75 -1.99 14.51 -7.91
CA LEU D 75 -1.02 13.43 -7.93
C LEU D 75 -1.73 12.14 -8.29
N VAL D 76 -0.98 11.23 -8.90
CA VAL D 76 -1.46 9.90 -9.23
C VAL D 76 -0.70 8.90 -8.38
N SER D 77 -1.39 7.86 -7.92
CA SER D 77 -0.78 6.81 -7.12
C SER D 77 -1.17 5.46 -7.68
N ALA D 78 -0.21 4.53 -7.69
CA ALA D 78 -0.44 3.17 -8.14
C ALA D 78 -0.44 2.23 -6.95
N SER D 79 -1.36 1.28 -6.96
CA SER D 79 -1.45 0.31 -5.88
C SER D 79 -1.68 -1.07 -6.47
N GLN D 80 -1.30 -2.08 -5.69
CA GLN D 80 -1.35 -3.47 -6.13
C GLN D 80 -2.76 -4.04 -6.16
N ASP D 81 -3.77 -3.27 -5.77
CA ASP D 81 -5.16 -3.70 -5.92
C ASP D 81 -5.72 -3.33 -7.29
N GLY D 82 -4.87 -3.02 -8.25
CA GLY D 82 -5.31 -2.71 -9.60
C GLY D 82 -6.12 -1.44 -9.72
N LYS D 83 -5.69 -0.36 -9.07
CA LYS D 83 -6.34 0.93 -9.17
C LYS D 83 -5.29 2.03 -9.26
N LEU D 84 -5.49 2.96 -10.18
CA LEU D 84 -4.79 4.24 -10.19
C LEU D 84 -5.77 5.31 -9.70
N ILE D 85 -5.37 6.05 -8.67
CA ILE D 85 -6.22 7.10 -8.10
C ILE D 85 -5.50 8.43 -8.28
N ILE D 86 -6.22 9.41 -8.81
CA ILE D 86 -5.73 10.77 -8.96
C ILE D 86 -6.34 11.60 -7.84
N TRP D 87 -5.49 12.17 -6.99
CA TRP D 87 -5.92 12.87 -5.80
C TRP D 87 -5.80 14.38 -6.00
N ASP D 88 -6.79 15.11 -5.51
CA ASP D 88 -6.68 16.55 -5.32
C ASP D 88 -6.15 16.75 -3.90
N SER D 89 -4.83 16.89 -3.77
CA SER D 89 -4.20 16.84 -2.46
C SER D 89 -4.67 17.96 -1.55
N TYR D 90 -5.12 19.08 -2.12
CA TYR D 90 -5.59 20.18 -1.28
C TYR D 90 -6.83 19.79 -0.49
N THR D 91 -7.76 19.09 -1.13
CA THR D 91 -9.01 18.69 -0.50
C THR D 91 -9.13 17.19 -0.32
N THR D 92 -8.10 16.42 -0.67
CA THR D 92 -8.11 14.95 -0.58
C THR D 92 -9.27 14.34 -1.35
N ASN D 93 -9.71 15.01 -2.41
CA ASN D 93 -10.81 14.52 -3.23
C ASN D 93 -10.27 13.63 -4.33
N LYS D 94 -10.88 12.46 -4.50
CA LYS D 94 -10.48 11.53 -5.54
C LYS D 94 -11.02 12.05 -6.87
N VAL D 95 -10.14 12.63 -7.68
CA VAL D 95 -10.55 13.15 -8.98
C VAL D 95 -10.91 12.00 -9.92
N HIS D 96 -10.05 10.97 -9.97
CA HIS D 96 -10.25 9.83 -10.85
C HIS D 96 -9.84 8.56 -10.13
N ALA D 97 -10.48 7.46 -10.51
CA ALA D 97 -10.09 6.11 -10.08
C ALA D 97 -10.07 5.23 -11.32
N ILE D 98 -8.89 4.73 -11.68
CA ILE D 98 -8.67 4.07 -12.95
C ILE D 98 -8.46 2.58 -12.68
N PRO D 99 -9.36 1.72 -13.14
CA PRO D 99 -9.12 0.28 -13.03
C PRO D 99 -8.04 -0.19 -13.99
N LEU D 100 -7.25 -1.17 -13.56
CA LEU D 100 -6.11 -1.65 -14.32
C LEU D 100 -6.35 -3.09 -14.75
N ARG D 101 -5.90 -3.41 -15.96
CA ARG D 101 -6.03 -4.77 -16.46
C ARG D 101 -5.20 -5.74 -15.62
N SER D 102 -3.99 -5.34 -15.24
CA SER D 102 -3.11 -6.13 -14.40
C SER D 102 -2.92 -5.43 -13.08
N SER D 103 -3.05 -6.16 -11.98
CA SER D 103 -2.96 -5.60 -10.63
C SER D 103 -1.54 -5.61 -10.08
N TRP D 104 -0.55 -5.93 -10.91
CA TRP D 104 0.85 -5.97 -10.48
C TRP D 104 1.60 -4.73 -10.93
N VAL D 105 0.94 -3.57 -10.88
CA VAL D 105 1.55 -2.32 -11.30
C VAL D 105 2.61 -1.92 -10.30
N MET D 106 3.81 -1.57 -10.80
CA MET D 106 4.90 -1.15 -9.94
C MET D 106 5.48 0.21 -10.32
N THR D 107 4.85 0.93 -11.24
CA THR D 107 5.27 2.29 -11.57
C THR D 107 4.08 3.06 -12.10
N CYS D 108 4.15 4.38 -11.96
CA CYS D 108 3.14 5.27 -12.51
C CYS D 108 3.78 6.62 -12.81
N ALA D 109 3.21 7.34 -13.75
CA ALA D 109 3.73 8.63 -14.17
C ALA D 109 2.58 9.57 -14.50
N TYR D 110 2.87 10.86 -14.41
CA TYR D 110 1.94 11.93 -14.74
C TYR D 110 2.58 12.81 -15.80
N ALA D 111 1.87 13.02 -16.91
CA ALA D 111 2.44 13.81 -17.99
C ALA D 111 2.61 15.26 -17.56
N PRO D 112 3.64 15.94 -18.06
CA PRO D 112 3.82 17.36 -17.71
C PRO D 112 2.62 18.21 -18.09
N SER D 113 1.96 17.88 -19.19
CA SER D 113 0.73 18.58 -19.56
C SER D 113 -0.45 18.20 -18.68
N GLY D 114 -0.40 17.03 -18.05
CA GLY D 114 -1.49 16.55 -17.23
C GLY D 114 -2.60 15.85 -17.97
N ASN D 115 -2.47 15.65 -19.28
CA ASN D 115 -3.52 14.99 -20.05
C ASN D 115 -3.47 13.48 -19.93
N TYR D 116 -2.32 12.90 -19.60
CA TYR D 116 -2.14 11.46 -19.60
C TYR D 116 -1.48 10.99 -18.32
N VAL D 117 -1.76 9.75 -17.95
CA VAL D 117 -1.01 9.02 -16.94
C VAL D 117 -0.56 7.70 -17.55
N ALA D 118 0.51 7.15 -16.98
CA ALA D 118 1.06 5.89 -17.44
C ALA D 118 1.29 4.97 -16.25
N CYS D 119 1.34 3.67 -16.52
CA CYS D 119 1.59 2.68 -15.49
C CYS D 119 2.15 1.42 -16.14
N GLY D 120 2.72 0.56 -15.30
CA GLY D 120 3.26 -0.69 -15.78
C GLY D 120 3.70 -1.55 -14.62
N GLY D 121 4.05 -2.79 -14.93
CA GLY D 121 4.48 -3.72 -13.91
C GLY D 121 4.88 -5.08 -14.44
N LEU D 122 4.40 -6.13 -13.78
CA LEU D 122 4.77 -7.50 -14.15
C LEU D 122 4.20 -7.92 -15.50
N ASP D 123 3.30 -7.14 -16.08
CA ASP D 123 2.76 -7.44 -17.40
C ASP D 123 3.67 -7.00 -18.53
N ASN D 124 4.79 -6.34 -18.23
CA ASN D 124 5.80 -5.91 -19.18
C ASN D 124 5.29 -4.89 -20.19
N ILE D 125 4.19 -4.21 -19.87
CA ILE D 125 3.55 -3.28 -20.78
C ILE D 125 3.36 -1.95 -20.07
N CYS D 126 3.60 -0.86 -20.79
CA CYS D 126 3.28 0.48 -20.32
C CYS D 126 1.97 0.91 -20.96
N SER D 127 0.98 1.26 -20.12
CA SER D 127 -0.33 1.68 -20.59
C SER D 127 -0.49 3.19 -20.40
N ILE D 128 -0.92 3.87 -21.46
CA ILE D 128 -1.13 5.30 -21.44
C ILE D 128 -2.63 5.55 -21.34
N TYR D 129 -3.04 6.39 -20.38
CA TYR D 129 -4.44 6.67 -20.12
C TYR D 129 -4.74 8.13 -20.42
N ASN D 130 -5.81 8.37 -21.17
CA ASN D 130 -6.22 9.72 -21.54
C ASN D 130 -7.19 10.25 -20.49
N LEU D 131 -6.77 11.29 -19.78
CA LEU D 131 -7.62 11.89 -18.75
C LEU D 131 -8.60 12.90 -19.31
N LYS D 132 -8.31 13.46 -20.48
CA LYS D 132 -9.12 14.52 -21.09
C LYS D 132 -9.82 13.93 -22.31
N THR D 133 -11.00 13.35 -22.08
CA THR D 133 -11.79 12.76 -23.15
C THR D 133 -13.12 13.48 -23.26
N ARG D 134 -13.65 13.51 -24.49
CA ARG D 134 -14.95 14.12 -24.74
C ARG D 134 -16.09 13.30 -24.15
N GLU D 135 -15.85 12.03 -23.84
CA GLU D 135 -16.86 11.17 -23.25
C GLU D 135 -16.92 11.28 -21.73
N GLY D 136 -16.07 12.09 -21.12
CA GLY D 136 -16.07 12.22 -19.67
C GLY D 136 -15.60 10.99 -18.94
N ASN D 137 -14.85 10.11 -19.62
CA ASN D 137 -14.37 8.87 -19.04
C ASN D 137 -12.89 8.73 -19.35
N VAL D 138 -12.17 8.05 -18.45
CA VAL D 138 -10.75 7.79 -18.62
C VAL D 138 -10.59 6.48 -19.36
N ARG D 139 -9.86 6.51 -20.48
CA ARG D 139 -9.65 5.33 -21.31
C ARG D 139 -8.17 5.16 -21.57
N VAL D 140 -7.76 3.91 -21.81
CA VAL D 140 -6.37 3.65 -22.15
C VAL D 140 -6.12 4.06 -23.60
N SER D 141 -5.11 4.91 -23.80
CA SER D 141 -4.81 5.45 -25.12
C SER D 141 -3.97 4.48 -25.93
N ARG D 142 -2.79 4.12 -25.42
CA ARG D 142 -1.88 3.20 -26.09
C ARG D 142 -1.35 2.20 -25.08
N GLU D 143 -1.00 1.02 -25.58
CA GLU D 143 -0.30 0.00 -24.79
C GLU D 143 1.03 -0.26 -25.46
N LEU D 144 2.12 0.02 -24.75
CA LEU D 144 3.46 -0.06 -25.30
C LEU D 144 4.07 -1.41 -24.93
N ALA D 145 4.16 -2.31 -25.89
CA ALA D 145 4.72 -3.65 -25.69
C ALA D 145 6.06 -3.76 -26.39
N GLY D 146 6.91 -4.64 -25.86
CA GLY D 146 8.25 -4.82 -26.39
C GLY D 146 9.30 -5.08 -25.34
N HIS D 147 9.06 -4.66 -24.11
CA HIS D 147 9.96 -4.99 -23.01
C HIS D 147 9.79 -6.46 -22.64
N THR D 148 10.91 -7.11 -22.32
CA THR D 148 10.92 -8.53 -21.98
C THR D 148 10.99 -8.75 -20.48
N GLY D 149 10.91 -7.67 -19.69
CA GLY D 149 10.89 -7.79 -18.24
C GLY D 149 9.98 -6.75 -17.65
N TYR D 150 9.72 -6.89 -16.36
CA TYR D 150 8.79 -6.00 -15.68
C TYR D 150 9.23 -4.56 -15.79
N LEU D 151 8.26 -3.66 -15.97
CA LEU D 151 8.55 -2.24 -16.02
C LEU D 151 8.69 -1.69 -14.60
N SER D 152 9.85 -1.13 -14.29
CA SER D 152 10.11 -0.60 -12.97
C SER D 152 10.03 0.92 -12.89
N CYS D 153 9.98 1.61 -14.03
CA CYS D 153 9.82 3.05 -14.04
C CYS D 153 9.36 3.49 -15.42
N CYS D 154 8.75 4.67 -15.46
CA CYS D 154 8.34 5.30 -16.71
C CYS D 154 8.19 6.79 -16.46
N ARG D 155 8.71 7.61 -17.36
CA ARG D 155 8.67 9.05 -17.20
C ARG D 155 8.30 9.69 -18.53
N PHE D 156 7.29 10.56 -18.51
CA PHE D 156 6.84 11.24 -19.72
C PHE D 156 7.84 12.30 -20.13
N LEU D 157 8.22 12.29 -21.41
CA LEU D 157 9.02 13.37 -21.97
C LEU D 157 8.13 14.52 -22.45
N ASP D 158 7.10 14.19 -23.22
CA ASP D 158 6.05 15.12 -23.60
C ASP D 158 4.78 14.30 -23.76
N ASP D 159 3.78 14.88 -24.44
CA ASP D 159 2.53 14.15 -24.66
C ASP D 159 2.69 12.96 -25.60
N ASN D 160 3.81 12.86 -26.31
CA ASN D 160 4.00 11.79 -27.28
C ASN D 160 5.27 10.99 -27.09
N GLN D 161 6.07 11.27 -26.06
CA GLN D 161 7.32 10.57 -25.83
C GLN D 161 7.43 10.19 -24.37
N ILE D 162 7.80 8.93 -24.10
CA ILE D 162 7.94 8.42 -22.76
C ILE D 162 9.18 7.55 -22.69
N VAL D 163 9.83 7.55 -21.54
CA VAL D 163 11.02 6.73 -21.30
C VAL D 163 10.67 5.72 -20.22
N THR D 164 10.90 4.44 -20.50
CA THR D 164 10.60 3.36 -19.57
C THR D 164 11.86 2.55 -19.29
N SER D 165 12.02 2.16 -18.02
CA SER D 165 13.09 1.28 -17.59
C SER D 165 12.48 -0.05 -17.15
N SER D 166 13.00 -1.15 -17.67
CA SER D 166 12.38 -2.44 -17.47
C SER D 166 13.33 -3.39 -16.73
N GLY D 167 12.79 -4.55 -16.37
CA GLY D 167 13.51 -5.62 -15.73
C GLY D 167 14.28 -6.52 -16.65
N ASP D 168 14.29 -6.24 -17.95
CA ASP D 168 15.14 -6.95 -18.90
C ASP D 168 16.48 -6.25 -19.12
N THR D 169 16.92 -5.45 -18.15
CA THR D 169 18.21 -4.76 -18.17
C THR D 169 18.31 -3.77 -19.33
N THR D 170 17.18 -3.21 -19.76
CA THR D 170 17.18 -2.21 -20.82
C THR D 170 16.26 -1.06 -20.44
N CYS D 171 16.57 0.12 -20.99
CA CYS D 171 15.71 1.28 -20.96
C CYS D 171 15.33 1.64 -22.39
N ALA D 172 14.10 2.10 -22.58
CA ALA D 172 13.59 2.38 -23.91
C ALA D 172 12.95 3.75 -23.97
N LEU D 173 12.99 4.36 -25.15
CA LEU D 173 12.26 5.58 -25.45
C LEU D 173 11.19 5.25 -26.48
N TRP D 174 9.96 5.61 -26.18
CA TRP D 174 8.81 5.23 -27.00
C TRP D 174 8.24 6.44 -27.72
N ASP D 175 7.54 6.15 -28.82
CA ASP D 175 6.74 7.12 -29.55
C ASP D 175 5.29 6.69 -29.41
N ILE D 176 4.54 7.36 -28.53
CA ILE D 176 3.20 6.92 -28.20
C ILE D 176 2.24 7.08 -29.37
N GLU D 177 2.58 7.92 -30.35
CA GLU D 177 1.73 8.07 -31.53
C GLU D 177 1.60 6.76 -32.30
N THR D 178 2.71 6.04 -32.48
CA THR D 178 2.73 4.76 -33.17
C THR D 178 2.98 3.58 -32.25
N GLY D 179 3.36 3.82 -31.00
CA GLY D 179 3.61 2.73 -30.07
C GLY D 179 4.82 1.89 -30.42
N GLN D 180 5.90 2.53 -30.86
CA GLN D 180 7.10 1.84 -31.31
C GLN D 180 8.30 2.34 -30.52
N GLN D 181 9.24 1.45 -30.25
CA GLN D 181 10.47 1.80 -29.56
C GLN D 181 11.33 2.64 -30.48
N THR D 182 11.39 3.95 -30.23
CA THR D 182 12.22 4.81 -31.05
C THR D 182 13.70 4.48 -30.88
N THR D 183 14.16 4.35 -29.65
CA THR D 183 15.52 3.94 -29.37
C THR D 183 15.55 3.10 -28.11
N THR D 184 16.55 2.22 -28.02
CA THR D 184 16.74 1.35 -26.87
C THR D 184 18.11 1.62 -26.26
N PHE D 185 18.13 1.71 -24.93
CA PHE D 185 19.35 1.97 -24.19
C PHE D 185 19.80 0.68 -23.51
N THR D 186 20.99 0.20 -23.87
CA THR D 186 21.52 -1.06 -23.38
C THR D 186 22.87 -0.84 -22.73
N GLY D 187 23.25 -1.77 -21.85
CA GLY D 187 24.50 -1.67 -21.14
C GLY D 187 24.42 -2.12 -19.70
N HIS D 188 23.26 -1.97 -19.07
CA HIS D 188 23.06 -2.50 -17.73
C HIS D 188 23.05 -4.01 -17.75
N THR D 189 23.71 -4.62 -16.76
CA THR D 189 23.70 -6.07 -16.60
C THR D 189 22.75 -6.54 -15.52
N GLY D 190 21.97 -5.64 -14.92
CA GLY D 190 20.96 -6.01 -13.96
C GLY D 190 19.66 -5.29 -14.25
N ASP D 191 18.62 -5.66 -13.51
CA ASP D 191 17.31 -5.06 -13.72
C ASP D 191 17.37 -3.58 -13.41
N VAL D 192 16.97 -2.74 -14.37
CA VAL D 192 16.91 -1.32 -14.12
C VAL D 192 15.70 -1.02 -13.26
N MET D 193 15.92 -0.32 -12.15
CA MET D 193 14.87 -0.15 -11.14
C MET D 193 14.22 1.22 -11.17
N SER D 194 14.93 2.26 -11.59
CA SER D 194 14.34 3.59 -11.65
C SER D 194 15.16 4.46 -12.60
N LEU D 195 14.54 5.53 -13.07
CA LEU D 195 15.19 6.50 -13.93
C LEU D 195 14.71 7.90 -13.55
N SER D 196 15.52 8.90 -13.88
CA SER D 196 15.18 10.30 -13.62
C SER D 196 15.57 11.13 -14.82
N LEU D 197 14.67 12.01 -15.25
CA LEU D 197 14.88 12.86 -16.41
C LEU D 197 15.51 14.18 -16.00
N ALA D 198 16.46 14.65 -16.81
CA ALA D 198 17.09 15.93 -16.55
C ALA D 198 16.09 17.06 -16.78
N PRO D 199 16.31 18.22 -16.15
CA PRO D 199 15.40 19.35 -16.39
C PRO D 199 15.27 19.74 -17.86
N ASP D 200 16.36 19.67 -18.62
CA ASP D 200 16.29 19.93 -20.05
C ASP D 200 15.72 18.77 -20.85
N THR D 201 15.51 17.62 -20.23
CA THR D 201 14.95 16.42 -20.86
C THR D 201 15.78 15.97 -22.06
N ARG D 202 17.09 16.21 -22.01
CA ARG D 202 17.99 15.69 -23.03
C ARG D 202 18.75 14.45 -22.58
N LEU D 203 19.01 14.33 -21.29
CA LEU D 203 19.66 13.16 -20.72
C LEU D 203 18.82 12.62 -19.58
N PHE D 204 19.04 11.35 -19.26
CA PHE D 204 18.42 10.74 -18.08
C PHE D 204 19.40 9.74 -17.49
N VAL D 205 19.22 9.46 -16.20
CA VAL D 205 20.07 8.51 -15.47
C VAL D 205 19.19 7.36 -14.99
N SER D 206 19.74 6.15 -15.05
CA SER D 206 19.03 4.95 -14.66
C SER D 206 19.89 4.12 -13.72
N GLY D 207 19.31 3.63 -12.64
CA GLY D 207 19.99 2.78 -11.69
C GLY D 207 19.47 1.35 -11.79
N ALA D 208 20.39 0.41 -11.85
CA ALA D 208 20.06 -0.99 -12.07
C ALA D 208 20.52 -1.84 -10.89
N CYS D 209 20.33 -3.15 -11.02
CA CYS D 209 20.71 -4.12 -10.01
C CYS D 209 22.16 -4.57 -10.12
N ASP D 210 22.95 -3.90 -10.95
CA ASP D 210 24.38 -4.18 -11.05
C ASP D 210 25.22 -3.21 -10.22
N ALA D 211 24.59 -2.45 -9.33
CA ALA D 211 25.27 -1.49 -8.46
C ALA D 211 25.98 -0.41 -9.28
N SER D 212 25.34 0.03 -10.36
CA SER D 212 25.88 1.12 -11.16
C SER D 212 24.74 1.91 -11.77
N ALA D 213 25.01 3.18 -12.04
CA ALA D 213 24.07 4.07 -12.73
C ALA D 213 24.73 4.58 -13.99
N LYS D 214 23.92 4.79 -15.03
CA LYS D 214 24.41 5.21 -16.32
C LYS D 214 23.67 6.46 -16.79
N LEU D 215 24.38 7.33 -17.48
CA LEU D 215 23.82 8.56 -18.03
C LEU D 215 23.68 8.39 -19.54
N TRP D 216 22.45 8.52 -20.04
CA TRP D 216 22.15 8.27 -21.43
C TRP D 216 21.82 9.57 -22.17
N ASP D 217 22.04 9.54 -23.48
CA ASP D 217 21.64 10.63 -24.36
C ASP D 217 20.37 10.23 -25.09
N VAL D 218 19.28 10.94 -24.82
CA VAL D 218 17.99 10.58 -25.40
C VAL D 218 18.03 10.71 -26.92
N ARG D 219 18.60 11.81 -27.42
CA ARG D 219 18.64 12.03 -28.86
C ARG D 219 19.53 11.01 -29.57
N GLU D 220 20.71 10.74 -29.01
CA GLU D 220 21.65 9.83 -29.67
C GLU D 220 21.30 8.38 -29.39
N GLY D 221 21.33 7.98 -28.12
CA GLY D 221 20.92 6.63 -27.76
C GLY D 221 22.02 5.74 -27.24
N MET D 222 23.07 6.32 -26.65
CA MET D 222 24.13 5.51 -26.06
C MET D 222 24.52 6.12 -24.73
N CYS D 223 25.11 5.28 -23.88
CA CYS D 223 25.51 5.71 -22.54
C CYS D 223 26.67 6.69 -22.63
N ARG D 224 26.56 7.80 -21.90
CA ARG D 224 27.62 8.80 -21.86
C ARG D 224 28.62 8.52 -20.75
N GLN D 225 28.13 8.26 -19.54
CA GLN D 225 28.99 8.01 -18.39
C GLN D 225 28.39 6.91 -17.54
N THR D 226 29.27 6.18 -16.84
CA THR D 226 28.86 5.14 -15.91
C THR D 226 29.39 5.50 -14.53
N PHE D 227 28.51 5.48 -13.53
CA PHE D 227 28.85 5.84 -12.16
C PHE D 227 28.74 4.62 -11.28
N THR D 228 29.83 4.26 -10.62
CA THR D 228 29.86 3.15 -9.68
C THR D 228 30.23 3.66 -8.29
N GLY D 229 30.12 2.78 -7.31
CA GLY D 229 30.41 3.14 -5.95
C GLY D 229 29.46 2.48 -4.95
N HIS D 230 28.25 2.19 -5.38
CA HIS D 230 27.30 1.46 -4.54
C HIS D 230 27.69 0.00 -4.45
N GLU D 231 27.38 -0.61 -3.32
CA GLU D 231 27.79 -2.00 -3.06
C GLU D 231 26.70 -3.02 -3.38
N SER D 232 25.49 -2.59 -3.72
CA SER D 232 24.40 -3.51 -3.98
C SER D 232 23.43 -2.85 -4.95
N ASP D 233 22.25 -3.45 -5.08
CA ASP D 233 21.27 -3.01 -6.06
C ASP D 233 20.84 -1.57 -5.78
N ILE D 234 20.70 -0.79 -6.84
CA ILE D 234 20.22 0.59 -6.75
C ILE D 234 18.73 0.60 -7.03
N ASN D 235 17.95 1.15 -6.08
CA ASN D 235 16.50 1.14 -6.17
C ASN D 235 15.91 2.49 -6.53
N ALA D 236 16.61 3.59 -6.25
CA ALA D 236 16.08 4.92 -6.49
C ALA D 236 17.16 5.79 -7.10
N ILE D 237 16.72 6.81 -7.84
CA ILE D 237 17.62 7.77 -8.47
C ILE D 237 16.82 9.03 -8.76
N CYS D 238 17.47 10.18 -8.67
CA CYS D 238 16.80 11.45 -8.92
C CYS D 238 17.85 12.51 -9.23
N PHE D 239 17.51 13.44 -10.12
CA PHE D 239 18.43 14.49 -10.51
C PHE D 239 18.46 15.63 -9.49
N PHE D 240 19.63 16.26 -9.38
CA PHE D 240 19.71 17.52 -8.68
C PHE D 240 18.95 18.59 -9.47
N PRO D 241 18.40 19.60 -8.79
CA PRO D 241 17.55 20.57 -9.50
C PRO D 241 18.23 21.28 -10.65
N ASN D 242 19.55 21.45 -10.63
CA ASN D 242 20.23 22.10 -11.74
C ASN D 242 20.64 21.13 -12.84
N GLY D 243 20.44 19.83 -12.64
CA GLY D 243 20.71 18.85 -13.66
C GLY D 243 22.16 18.42 -13.80
N ASN D 244 23.05 18.96 -12.97
CA ASN D 244 24.47 18.63 -13.01
C ASN D 244 24.86 17.58 -11.99
N ALA D 245 23.88 16.95 -11.34
CA ALA D 245 24.15 15.93 -10.33
C ALA D 245 22.92 15.06 -10.17
N PHE D 246 23.08 13.99 -9.41
CA PHE D 246 21.96 13.11 -9.09
C PHE D 246 22.33 12.31 -7.85
N ALA D 247 21.31 11.73 -7.22
CA ALA D 247 21.49 10.94 -6.00
C ALA D 247 20.84 9.58 -6.18
N THR D 248 21.51 8.56 -5.68
CA THR D 248 21.09 7.16 -5.81
C THR D 248 20.76 6.59 -4.44
N GLY D 249 19.77 5.72 -4.40
CA GLY D 249 19.42 5.01 -3.19
C GLY D 249 19.48 3.52 -3.39
N SER D 250 20.28 2.81 -2.60
CA SER D 250 20.59 1.42 -2.86
C SER D 250 20.25 0.54 -1.66
N ASP D 251 20.53 -0.75 -1.82
CA ASP D 251 20.19 -1.76 -0.82
C ASP D 251 21.26 -1.94 0.25
N ASP D 252 22.42 -1.29 0.12
CA ASP D 252 23.43 -1.31 1.17
C ASP D 252 23.16 -0.27 2.24
N ALA D 253 21.91 0.21 2.35
CA ALA D 253 21.52 1.21 3.34
C ALA D 253 22.30 2.51 3.19
N THR D 254 22.50 2.93 1.94
CA THR D 254 23.31 4.10 1.66
C THR D 254 22.71 4.88 0.49
N CYS D 255 22.78 6.20 0.60
CA CYS D 255 22.52 7.12 -0.50
C CYS D 255 23.83 7.79 -0.88
N ARG D 256 24.02 8.02 -2.17
CA ARG D 256 25.23 8.66 -2.67
C ARG D 256 24.89 9.70 -3.72
N LEU D 257 25.73 10.73 -3.79
CA LEU D 257 25.55 11.83 -4.72
C LEU D 257 26.68 11.83 -5.74
N PHE D 258 26.33 11.87 -7.02
CA PHE D 258 27.28 11.86 -8.10
C PHE D 258 27.18 13.13 -8.91
N ASP D 259 28.32 13.56 -9.46
CA ASP D 259 28.39 14.75 -10.30
C ASP D 259 28.75 14.34 -11.73
N LEU D 260 27.94 14.78 -12.69
CA LEU D 260 28.17 14.40 -14.07
C LEU D 260 29.48 14.96 -14.61
N ARG D 261 29.78 16.22 -14.31
CA ARG D 261 31.00 16.82 -14.83
C ARG D 261 32.25 16.22 -14.19
N ALA D 262 32.23 16.01 -12.88
CA ALA D 262 33.36 15.38 -12.20
C ALA D 262 33.41 13.88 -12.46
N ASP D 263 32.28 13.28 -12.86
CA ASP D 263 32.23 11.87 -13.24
C ASP D 263 32.71 10.95 -12.11
N GLN D 264 32.32 11.26 -10.88
CA GLN D 264 32.68 10.43 -9.74
C GLN D 264 31.75 10.76 -8.58
N GLU D 265 31.93 10.02 -7.49
CA GLU D 265 31.14 10.21 -6.28
C GLU D 265 31.45 11.55 -5.63
N LEU D 266 30.46 12.10 -4.94
CA LEU D 266 30.62 13.35 -4.21
C LEU D 266 30.45 13.18 -2.71
N MET D 267 29.37 12.55 -2.27
CA MET D 267 29.10 12.43 -0.84
C MET D 267 28.28 11.18 -0.59
N THR D 268 28.39 10.66 0.63
CA THR D 268 27.74 9.42 1.03
C THR D 268 26.80 9.69 2.21
N TYR D 269 25.57 9.21 2.10
CA TYR D 269 24.51 9.49 3.08
C TYR D 269 24.15 8.18 3.78
N SER D 270 24.91 7.85 4.82
CA SER D 270 24.74 6.60 5.53
C SER D 270 24.90 6.83 7.02
N HIS D 271 24.28 5.96 7.82
CA HIS D 271 24.43 6.00 9.26
C HIS D 271 24.57 4.58 9.77
N ASP D 272 25.21 4.45 10.93
CA ASP D 272 25.60 3.12 11.43
C ASP D 272 24.39 2.27 11.78
N ASN D 273 23.35 2.87 12.37
CA ASN D 273 22.18 2.12 12.77
C ASN D 273 21.10 2.08 11.71
N ILE D 274 21.45 2.34 10.45
CA ILE D 274 20.55 2.14 9.32
C ILE D 274 21.09 0.95 8.54
N ILE D 275 20.35 -0.16 8.55
CA ILE D 275 20.77 -1.37 7.86
C ILE D 275 19.80 -1.78 6.76
N CYS D 276 18.66 -1.11 6.64
CA CYS D 276 17.67 -1.43 5.61
C CYS D 276 17.94 -0.63 4.34
N GLY D 277 17.48 -1.18 3.21
CA GLY D 277 17.70 -0.52 1.95
C GLY D 277 16.79 0.68 1.73
N ILE D 278 17.20 1.51 0.78
CA ILE D 278 16.45 2.72 0.40
C ILE D 278 15.56 2.38 -0.78
N THR D 279 14.29 2.77 -0.69
CA THR D 279 13.33 2.48 -1.74
C THR D 279 13.03 3.68 -2.63
N SER D 280 13.22 4.90 -2.14
CA SER D 280 12.90 6.11 -2.89
C SER D 280 13.81 7.24 -2.47
N VAL D 281 14.11 8.12 -3.41
CA VAL D 281 15.01 9.25 -3.20
C VAL D 281 14.45 10.46 -3.94
N SER D 282 14.48 11.63 -3.29
CA SER D 282 14.06 12.86 -3.94
C SER D 282 14.70 14.05 -3.26
N PHE D 283 14.96 15.09 -4.03
CA PHE D 283 15.55 16.32 -3.52
C PHE D 283 14.48 17.33 -3.14
N SER D 284 14.90 18.35 -2.39
CA SER D 284 14.07 19.51 -2.13
C SER D 284 14.09 20.43 -3.34
N LYS D 285 13.37 21.54 -3.26
CA LYS D 285 13.31 22.47 -4.40
C LYS D 285 14.67 23.07 -4.70
N SER D 286 15.42 23.45 -3.67
CA SER D 286 16.73 24.06 -3.85
C SER D 286 17.86 23.04 -3.91
N GLY D 287 17.58 21.77 -3.66
CA GLY D 287 18.62 20.77 -3.59
C GLY D 287 19.38 20.74 -2.28
N ARG D 288 19.00 21.55 -1.29
CA ARG D 288 19.70 21.54 -0.02
C ARG D 288 19.32 20.33 0.82
N LEU D 289 18.09 19.85 0.71
CA LEU D 289 17.61 18.73 1.48
C LEU D 289 17.38 17.54 0.57
N LEU D 290 17.83 16.37 0.99
CA LEU D 290 17.61 15.11 0.29
C LEU D 290 16.72 14.23 1.14
N LEU D 291 15.61 13.77 0.57
CA LEU D 291 14.66 12.93 1.27
C LEU D 291 14.74 11.51 0.72
N ALA D 292 14.87 10.54 1.61
CA ALA D 292 15.02 9.14 1.24
C ALA D 292 14.04 8.30 2.04
N GLY D 293 13.33 7.41 1.37
CA GLY D 293 12.44 6.45 2.01
C GLY D 293 13.17 5.13 2.23
N TYR D 294 12.92 4.52 3.38
CA TYR D 294 13.65 3.33 3.80
C TYR D 294 12.70 2.17 4.03
N ASP D 295 13.28 0.99 4.22
CA ASP D 295 12.52 -0.21 4.55
C ASP D 295 12.14 -0.29 6.02
N ASP D 296 12.73 0.54 6.88
CA ASP D 296 12.38 0.56 8.30
C ASP D 296 11.17 1.41 8.59
N PHE D 297 10.33 1.65 7.59
CA PHE D 297 9.03 2.30 7.66
C PHE D 297 9.17 3.81 7.77
N ASN D 298 10.37 4.35 7.71
CA ASN D 298 10.62 5.77 7.95
C ASN D 298 11.21 6.42 6.71
N CYS D 299 11.10 7.75 6.67
CA CYS D 299 11.77 8.58 5.67
C CYS D 299 12.71 9.53 6.38
N ASN D 300 13.93 9.63 5.88
CA ASN D 300 14.93 10.52 6.47
C ASN D 300 15.17 11.71 5.55
N VAL D 301 15.44 12.86 6.17
CA VAL D 301 15.80 14.08 5.46
C VAL D 301 17.28 14.31 5.69
N TRP D 302 18.04 14.37 4.60
CA TRP D 302 19.49 14.50 4.67
C TRP D 302 19.89 15.90 4.21
N ASP D 303 20.79 16.52 4.95
CA ASP D 303 21.43 17.74 4.49
C ASP D 303 22.40 17.35 3.37
N ALA D 304 21.97 17.55 2.13
CA ALA D 304 22.72 17.02 0.99
C ALA D 304 24.14 17.59 0.92
N LEU D 305 24.34 18.81 1.43
CA LEU D 305 25.65 19.43 1.40
C LEU D 305 26.56 18.94 2.52
N LYS D 306 26.01 18.46 3.62
CA LYS D 306 26.79 18.08 4.79
C LYS D 306 26.62 16.62 5.20
N ALA D 307 25.70 15.88 4.57
CA ALA D 307 25.48 14.47 4.85
C ALA D 307 25.08 14.23 6.30
N ASP D 308 24.47 15.23 6.93
CA ASP D 308 23.98 15.12 8.29
C ASP D 308 22.46 15.04 8.25
N ARG D 309 21.90 14.02 8.90
CA ARG D 309 20.45 13.84 8.89
C ARG D 309 19.77 15.05 9.54
N ALA D 310 18.73 15.55 8.87
CA ALA D 310 18.02 16.73 9.33
C ALA D 310 16.67 16.44 9.97
N GLY D 311 16.06 15.30 9.66
CA GLY D 311 14.76 14.99 10.22
C GLY D 311 14.34 13.60 9.81
N VAL D 312 13.20 13.19 10.37
CA VAL D 312 12.60 11.89 10.10
C VAL D 312 11.13 12.08 9.81
N LEU D 313 10.64 11.46 8.74
CA LEU D 313 9.21 11.50 8.41
C LEU D 313 8.53 10.22 8.89
N ALA D 314 8.54 10.02 10.20
CA ALA D 314 7.89 8.86 10.79
C ALA D 314 6.36 9.03 10.74
N GLY D 315 5.67 7.91 10.58
CA GLY D 315 4.23 7.95 10.45
C GLY D 315 3.64 6.88 9.55
N HIS D 316 4.49 6.15 8.85
CA HIS D 316 4.07 4.99 8.07
C HIS D 316 4.37 3.72 8.86
N ASP D 317 3.46 2.76 8.81
CA ASP D 317 3.60 1.52 9.56
C ASP D 317 4.04 0.35 8.70
N ASN D 318 4.47 0.61 7.47
CA ASN D 318 5.05 -0.42 6.61
C ASN D 318 6.12 0.21 5.75
N ARG D 319 6.66 -0.57 4.81
CA ARG D 319 7.73 -0.11 3.94
C ARG D 319 7.29 1.10 3.14
N VAL D 320 8.13 2.13 3.12
CA VAL D 320 7.87 3.33 2.33
C VAL D 320 8.40 3.06 0.93
N SER D 321 7.49 2.97 -0.05
CA SER D 321 7.86 2.55 -1.39
C SER D 321 8.05 3.72 -2.36
N CYS D 322 7.32 4.82 -2.18
CA CYS D 322 7.39 5.94 -3.10
C CYS D 322 7.48 7.23 -2.30
N LEU D 323 8.02 8.27 -2.94
CA LEU D 323 8.34 9.52 -2.26
C LEU D 323 8.56 10.59 -3.31
N GLY D 324 7.82 11.69 -3.20
CA GLY D 324 7.93 12.76 -4.18
C GLY D 324 7.80 14.12 -3.54
N VAL D 325 8.29 15.12 -4.25
CA VAL D 325 8.25 16.52 -3.82
C VAL D 325 7.63 17.33 -4.94
N THR D 326 6.74 18.26 -4.58
CA THR D 326 6.06 19.08 -5.57
C THR D 326 7.04 19.97 -6.32
N ASP D 327 6.59 20.51 -7.45
CA ASP D 327 7.49 21.27 -8.31
C ASP D 327 7.86 22.62 -7.71
N ASP D 328 7.04 23.16 -6.82
CA ASP D 328 7.41 24.35 -6.07
C ASP D 328 7.86 24.05 -4.65
N GLY D 329 8.01 22.77 -4.31
CA GLY D 329 8.57 22.40 -3.03
C GLY D 329 7.71 22.66 -1.83
N MET D 330 6.38 22.76 -2.02
CA MET D 330 5.51 23.08 -0.91
C MET D 330 5.14 21.85 -0.09
N ALA D 331 5.41 20.65 -0.57
CA ALA D 331 4.96 19.46 0.15
C ALA D 331 5.79 18.26 -0.29
N VAL D 332 5.72 17.21 0.54
CA VAL D 332 6.31 15.91 0.24
C VAL D 332 5.22 14.87 0.40
N ALA D 333 5.01 14.06 -0.62
CA ALA D 333 4.05 12.96 -0.57
C ALA D 333 4.82 11.66 -0.51
N THR D 334 4.55 10.86 0.51
CA THR D 334 5.16 9.55 0.67
C THR D 334 4.06 8.51 0.77
N GLY D 335 4.00 7.62 -0.22
CA GLY D 335 3.18 6.43 -0.10
C GLY D 335 3.96 5.30 0.51
N SER D 336 3.23 4.28 0.94
CA SER D 336 3.87 3.17 1.63
C SER D 336 3.05 1.91 1.45
N TRP D 337 3.55 0.82 2.02
CA TRP D 337 2.97 -0.51 1.85
C TRP D 337 1.78 -0.75 2.77
N ASP D 338 1.43 0.21 3.63
CA ASP D 338 0.21 0.14 4.42
C ASP D 338 -0.98 0.76 3.71
N SER D 339 -0.86 1.03 2.41
CA SER D 339 -1.95 1.54 1.57
C SER D 339 -2.38 2.94 1.98
N PHE D 340 -1.44 3.75 2.47
CA PHE D 340 -1.71 5.13 2.84
C PHE D 340 -0.71 6.05 2.20
N LEU D 341 -1.19 7.23 1.79
CA LEU D 341 -0.36 8.31 1.29
C LEU D 341 -0.47 9.48 2.24
N LYS D 342 0.65 10.17 2.46
CA LYS D 342 0.68 11.29 3.40
C LYS D 342 1.38 12.48 2.77
N ILE D 343 0.82 13.66 2.98
CA ILE D 343 1.41 14.91 2.52
C ILE D 343 2.06 15.60 3.71
N TRP D 344 3.31 15.99 3.56
CA TRP D 344 4.11 16.51 4.67
C TRP D 344 4.55 17.94 4.39
N ASN D 345 4.64 18.73 5.46
CA ASN D 345 5.04 20.12 5.34
C ASN D 345 5.60 20.63 6.66
N ALA E 6 28.46 -15.34 -29.39
CA ALA E 6 29.43 -15.67 -28.36
C ALA E 6 29.72 -14.46 -27.47
N SER E 7 30.61 -14.65 -26.50
CA SER E 7 30.97 -13.58 -25.58
C SER E 7 32.07 -12.67 -26.12
N ILE E 8 32.68 -13.02 -27.25
CA ILE E 8 33.71 -12.16 -27.84
C ILE E 8 33.10 -10.82 -28.27
N ALA E 9 31.90 -10.87 -28.88
CA ALA E 9 31.23 -9.64 -29.26
C ALA E 9 30.88 -8.80 -28.04
N GLN E 10 30.44 -9.44 -26.96
CA GLN E 10 30.14 -8.70 -25.73
C GLN E 10 31.39 -8.05 -25.16
N ALA E 11 32.52 -8.77 -25.16
CA ALA E 11 33.77 -8.19 -24.69
C ALA E 11 34.20 -7.02 -25.55
N ARG E 12 34.06 -7.14 -26.88
CA ARG E 12 34.40 -6.04 -27.76
C ARG E 12 33.51 -4.82 -27.50
N LYS E 13 32.22 -5.04 -27.30
CA LYS E 13 31.31 -3.93 -27.01
C LYS E 13 31.66 -3.27 -25.69
N LEU E 14 32.00 -4.06 -24.67
CA LEU E 14 32.42 -3.49 -23.40
C LEU E 14 33.69 -2.66 -23.55
N VAL E 15 34.66 -3.17 -24.31
CA VAL E 15 35.90 -2.43 -24.52
C VAL E 15 35.63 -1.12 -25.26
N GLU E 16 34.77 -1.16 -26.28
CA GLU E 16 34.45 0.06 -27.02
C GLU E 16 33.74 1.07 -26.13
N GLN E 17 32.80 0.62 -25.31
CA GLN E 17 32.10 1.53 -24.40
C GLN E 17 33.06 2.14 -23.39
N LEU E 18 33.96 1.32 -22.83
CA LEU E 18 34.93 1.85 -21.87
C LEU E 18 35.87 2.85 -22.52
N LYS E 19 36.29 2.58 -23.76
CA LYS E 19 37.13 3.53 -24.48
C LYS E 19 36.41 4.83 -24.74
N MET E 20 35.13 4.75 -25.12
CA MET E 20 34.34 5.97 -25.36
C MET E 20 34.16 6.75 -24.07
N GLU E 21 34.02 6.05 -22.95
CA GLU E 21 33.82 6.73 -21.67
C GLU E 21 35.13 7.33 -21.14
N ALA E 22 36.27 6.70 -21.44
CA ALA E 22 37.54 7.14 -20.86
C ALA E 22 37.95 8.52 -21.35
N ASN E 23 37.77 8.79 -22.64
CA ASN E 23 38.27 10.04 -23.23
C ASN E 23 37.16 11.10 -23.22
N ILE E 24 36.85 11.58 -22.02
CA ILE E 24 35.92 12.68 -21.82
C ILE E 24 36.55 13.68 -20.85
N ASP E 25 36.10 14.92 -20.94
CA ASP E 25 36.63 15.97 -20.09
C ASP E 25 35.96 15.93 -18.71
N ARG E 26 36.78 16.13 -17.68
CA ARG E 26 36.30 16.13 -16.30
C ARG E 26 36.87 17.36 -15.58
N ILE E 27 36.02 18.04 -14.83
CA ILE E 27 36.43 19.18 -14.04
C ILE E 27 36.84 18.71 -12.66
N LYS E 28 37.56 19.56 -11.94
CA LYS E 28 37.97 19.24 -10.58
C LYS E 28 36.75 19.12 -9.68
N VAL E 29 36.83 18.20 -8.71
CA VAL E 29 35.70 17.95 -7.83
C VAL E 29 35.43 19.16 -6.94
N SER E 30 36.45 19.98 -6.67
CA SER E 30 36.22 21.20 -5.91
C SER E 30 35.30 22.15 -6.66
N LYS E 31 35.46 22.24 -7.99
CA LYS E 31 34.58 23.08 -8.79
C LYS E 31 33.14 22.58 -8.74
N ALA E 32 32.95 21.26 -8.81
CA ALA E 32 31.59 20.70 -8.72
C ALA E 32 30.96 20.98 -7.37
N ALA E 33 31.74 20.82 -6.29
CA ALA E 33 31.24 21.12 -4.96
C ALA E 33 30.87 22.59 -4.83
N ALA E 34 31.70 23.48 -5.38
CA ALA E 34 31.41 24.91 -5.32
C ALA E 34 30.15 25.24 -6.10
N ASP E 35 29.94 24.59 -7.25
CA ASP E 35 28.74 24.84 -8.03
C ASP E 35 27.48 24.37 -7.30
N LEU E 36 27.55 23.19 -6.67
CA LEU E 36 26.41 22.73 -5.88
C LEU E 36 26.11 23.68 -4.73
N MET E 37 27.15 24.14 -4.05
CA MET E 37 26.98 25.13 -2.99
C MET E 37 26.32 26.40 -3.52
N ALA E 38 26.79 26.88 -4.67
CA ALA E 38 26.24 28.11 -5.24
C ALA E 38 24.77 27.96 -5.57
N TYR E 39 24.39 26.83 -6.18
CA TYR E 39 22.98 26.61 -6.48
C TYR E 39 22.15 26.56 -5.20
N CYS E 40 22.64 25.83 -4.19
CA CYS E 40 21.88 25.69 -2.96
C CYS E 40 21.69 27.03 -2.25
N GLU E 41 22.73 27.86 -2.23
CA GLU E 41 22.60 29.16 -1.58
C GLU E 41 21.80 30.15 -2.42
N ALA E 42 21.79 29.98 -3.75
CA ALA E 42 21.03 30.88 -4.60
C ALA E 42 19.54 30.61 -4.53
N HIS E 43 19.14 29.34 -4.40
CA HIS E 43 17.73 29.00 -4.39
C HIS E 43 17.20 28.67 -3.00
N ALA E 44 17.93 29.04 -1.95
CA ALA E 44 17.51 28.68 -0.59
C ALA E 44 16.23 29.39 -0.18
N LYS E 45 16.07 30.66 -0.57
CA LYS E 45 14.94 31.45 -0.11
C LYS E 45 13.62 30.87 -0.60
N GLU E 46 13.57 30.42 -1.84
CA GLU E 46 12.35 29.92 -2.46
C GLU E 46 12.13 28.43 -2.23
N ASP E 47 12.71 27.87 -1.15
CA ASP E 47 12.51 26.47 -0.81
C ASP E 47 11.60 26.38 0.39
N PRO E 48 10.31 26.05 0.21
CA PRO E 48 9.41 25.96 1.37
C PRO E 48 9.81 24.93 2.40
N LEU E 49 10.38 23.79 1.97
CA LEU E 49 10.74 22.76 2.93
C LEU E 49 11.98 23.15 3.73
N LEU E 50 12.96 23.78 3.08
CA LEU E 50 14.15 24.24 3.78
C LEU E 50 13.81 25.36 4.75
N THR E 51 13.07 26.37 4.28
CA THR E 51 12.61 27.48 5.11
C THR E 51 11.09 27.48 5.13
N PRO E 52 10.46 27.01 6.21
CA PRO E 52 9.01 26.91 6.22
C PRO E 52 8.32 28.25 5.99
N VAL E 53 7.23 28.21 5.23
CA VAL E 53 6.49 29.41 4.86
C VAL E 53 5.47 29.74 5.94
N PRO E 54 5.04 31.00 6.08
CA PRO E 54 3.96 31.31 7.02
C PRO E 54 2.67 30.61 6.61
N ALA E 55 1.86 30.29 7.61
CA ALA E 55 0.65 29.50 7.37
C ALA E 55 -0.34 30.20 6.45
N SER E 56 -0.21 31.52 6.29
CA SER E 56 -1.07 32.23 5.35
C SER E 56 -0.88 31.75 3.92
N GLU E 57 0.37 31.55 3.52
CA GLU E 57 0.69 31.11 2.17
C GLU E 57 0.80 29.59 2.04
N ASN E 58 0.64 28.85 3.12
CA ASN E 58 0.68 27.41 3.06
C ASN E 58 -0.63 26.87 2.49
N PRO E 59 -0.60 26.11 1.40
CA PRO E 59 -1.85 25.56 0.85
C PRO E 59 -2.31 24.29 1.54
N PHE E 60 -1.54 23.76 2.47
CA PHE E 60 -1.86 22.52 3.17
C PHE E 60 -2.08 22.76 4.67
N ARG E 61 -2.80 23.83 5.01
CA ARG E 61 -3.07 24.14 6.41
C ARG E 61 -3.94 23.05 7.06
N GLN F 3 33.58 -0.25 -6.85
CA GLN F 3 33.08 -1.24 -7.79
C GLN F 3 33.27 -2.64 -7.25
N VAL F 4 32.18 -3.41 -7.23
CA VAL F 4 32.21 -4.75 -6.66
C VAL F 4 33.01 -5.66 -7.58
N GLN F 5 34.07 -6.28 -7.04
CA GLN F 5 34.92 -7.16 -7.83
C GLN F 5 35.27 -8.39 -7.03
N LEU F 6 35.29 -9.54 -7.70
CA LEU F 6 35.67 -10.81 -7.07
C LEU F 6 36.58 -11.55 -8.04
N GLN F 7 37.86 -11.66 -7.68
CA GLN F 7 38.85 -12.33 -8.52
C GLN F 7 39.20 -13.67 -7.90
N GLU F 8 39.03 -14.75 -8.68
CA GLU F 8 39.29 -16.10 -8.21
C GLU F 8 40.66 -16.58 -8.70
N SER F 9 41.33 -17.34 -7.85
CA SER F 9 42.65 -17.87 -8.17
C SER F 9 42.84 -19.18 -7.40
N GLY F 10 43.84 -19.94 -7.82
CA GLY F 10 44.17 -21.20 -7.17
C GLY F 10 43.79 -22.45 -7.94
N GLY F 11 43.00 -22.33 -9.00
CA GLY F 11 42.62 -23.47 -9.78
C GLY F 11 43.76 -24.00 -10.63
N GLY F 12 43.54 -25.17 -11.22
CA GLY F 12 44.54 -25.77 -12.07
C GLY F 12 44.21 -27.21 -12.37
N LEU F 13 45.24 -27.97 -12.75
CA LEU F 13 45.12 -29.38 -13.09
C LEU F 13 45.71 -30.22 -11.97
N VAL F 14 44.95 -31.22 -11.53
CA VAL F 14 45.38 -32.10 -10.44
C VAL F 14 44.85 -33.50 -10.72
N GLN F 15 45.62 -34.51 -10.34
CA GLN F 15 45.19 -35.88 -10.54
C GLN F 15 44.05 -36.23 -9.58
N PRO F 16 43.21 -37.20 -9.94
CA PRO F 16 42.12 -37.59 -9.03
C PRO F 16 42.65 -38.03 -7.68
N GLY F 17 41.92 -37.64 -6.64
CA GLY F 17 42.37 -37.84 -5.28
C GLY F 17 43.33 -36.78 -4.77
N GLY F 18 43.65 -35.77 -5.58
CA GLY F 18 44.54 -34.71 -5.17
C GLY F 18 43.82 -33.64 -4.39
N SER F 19 44.52 -32.53 -4.17
CA SER F 19 44.00 -31.43 -3.38
C SER F 19 44.26 -30.11 -4.08
N LEU F 20 43.39 -29.14 -3.81
CA LEU F 20 43.53 -27.78 -4.31
C LEU F 20 43.04 -26.81 -3.26
N ARG F 21 43.25 -25.52 -3.53
CA ARG F 21 42.80 -24.45 -2.66
C ARG F 21 42.45 -23.25 -3.52
N LEU F 22 41.22 -22.76 -3.39
CA LEU F 22 40.73 -21.65 -4.20
C LEU F 22 40.59 -20.40 -3.33
N SER F 23 41.04 -19.27 -3.85
CA SER F 23 41.00 -18.00 -3.14
C SER F 23 40.14 -17.01 -3.91
N CYS F 24 39.43 -16.16 -3.17
CA CYS F 24 38.53 -15.15 -3.74
C CYS F 24 38.79 -13.83 -3.04
N ALA F 25 39.70 -13.03 -3.58
CA ALA F 25 39.98 -11.70 -3.04
C ALA F 25 38.87 -10.75 -3.46
N ALA F 26 38.26 -10.06 -2.51
CA ALA F 26 37.10 -9.22 -2.74
C ALA F 26 37.45 -7.76 -2.53
N SER F 27 36.85 -6.89 -3.33
CA SER F 27 37.03 -5.46 -3.20
C SER F 27 35.76 -4.75 -3.65
N GLY F 28 35.64 -3.49 -3.25
CA GLY F 28 34.50 -2.68 -3.63
C GLY F 28 33.31 -2.78 -2.72
N PHE F 29 33.37 -3.62 -1.70
CA PHE F 29 32.26 -3.75 -0.74
C PHE F 29 32.84 -4.21 0.59
N THR F 30 32.09 -3.95 1.66
CA THR F 30 32.52 -4.32 3.00
C THR F 30 32.28 -5.82 3.19
N PHE F 31 33.36 -6.58 3.31
CA PHE F 31 33.28 -8.03 3.24
C PHE F 31 32.47 -8.62 4.39
N SER F 32 32.52 -7.99 5.57
CA SER F 32 31.97 -8.59 6.78
C SER F 32 30.45 -8.74 6.71
N ASN F 33 29.74 -7.77 6.15
CA ASN F 33 28.28 -7.78 6.20
C ASN F 33 27.65 -8.74 5.22
N TYR F 34 28.42 -9.38 4.36
CA TYR F 34 27.88 -10.19 3.29
C TYR F 34 28.17 -11.66 3.52
N LYS F 35 27.22 -12.49 3.11
CA LYS F 35 27.35 -13.93 3.18
C LYS F 35 27.82 -14.43 1.82
N MET F 36 28.99 -15.07 1.79
CA MET F 36 29.59 -15.48 0.53
C MET F 36 29.20 -16.91 0.18
N ASN F 37 29.32 -17.23 -1.11
CA ASN F 37 28.97 -18.53 -1.64
C ASN F 37 30.08 -19.03 -2.56
N TRP F 38 30.01 -20.32 -2.88
CA TRP F 38 30.85 -20.93 -3.91
C TRP F 38 29.95 -21.62 -4.90
N VAL F 39 30.11 -21.30 -6.18
CA VAL F 39 29.26 -21.79 -7.24
C VAL F 39 30.14 -22.33 -8.36
N ARG F 40 29.75 -23.46 -8.93
CA ARG F 40 30.52 -24.08 -10.00
C ARG F 40 29.60 -24.42 -11.17
N GLN F 41 30.17 -24.41 -12.36
CA GLN F 41 29.48 -24.78 -13.59
C GLN F 41 30.22 -25.93 -14.24
N ALA F 42 29.63 -27.11 -14.22
CA ALA F 42 30.23 -28.26 -14.87
C ALA F 42 30.17 -28.08 -16.39
N PRO F 43 31.10 -28.68 -17.13
CA PRO F 43 31.06 -28.56 -18.60
C PRO F 43 29.78 -29.17 -19.15
N GLY F 44 29.00 -28.35 -19.84
CA GLY F 44 27.73 -28.76 -20.39
C GLY F 44 26.57 -28.71 -19.43
N LYS F 45 26.75 -28.18 -18.21
CA LYS F 45 25.70 -28.09 -17.23
C LYS F 45 25.57 -26.64 -16.76
N GLY F 46 24.49 -26.38 -16.02
CA GLY F 46 24.23 -25.06 -15.49
C GLY F 46 24.95 -24.79 -14.18
N LEU F 47 24.69 -23.61 -13.64
CA LEU F 47 25.32 -23.21 -12.39
C LEU F 47 24.81 -24.09 -11.25
N GLU F 48 25.72 -24.47 -10.36
CA GLU F 48 25.40 -25.30 -9.21
C GLU F 48 26.00 -24.68 -7.95
N TRP F 49 25.21 -24.67 -6.88
CA TRP F 49 25.67 -24.13 -5.62
C TRP F 49 26.44 -25.20 -4.85
N VAL F 50 27.64 -24.87 -4.41
CA VAL F 50 28.55 -25.83 -3.79
C VAL F 50 28.64 -25.64 -2.28
N SER F 51 28.86 -24.41 -1.82
CA SER F 51 28.98 -24.15 -0.40
C SER F 51 28.73 -22.67 -0.14
N ASP F 52 28.49 -22.34 1.13
CA ASP F 52 28.33 -20.96 1.53
C ASP F 52 28.74 -20.81 2.99
N ILE F 53 29.05 -19.57 3.38
CA ILE F 53 29.49 -19.26 4.72
C ILE F 53 28.86 -17.93 5.12
N SER F 54 28.43 -17.83 6.37
CA SER F 54 27.68 -16.67 6.83
C SER F 54 28.62 -15.50 7.04
N GLN F 55 28.10 -14.41 7.63
CA GLN F 55 28.87 -13.19 7.78
C GLN F 55 30.10 -13.40 8.66
N SER F 56 29.95 -14.14 9.76
CA SER F 56 31.03 -14.36 10.70
C SER F 56 31.69 -15.72 10.56
N GLY F 57 31.10 -16.63 9.79
CA GLY F 57 31.59 -17.99 9.71
C GLY F 57 30.92 -18.96 10.66
N ALA F 58 29.87 -18.52 11.37
CA ALA F 58 29.20 -19.40 12.31
C ALA F 58 28.40 -20.48 11.58
N SER F 59 27.63 -20.08 10.57
CA SER F 59 26.79 -21.01 9.82
C SER F 59 27.48 -21.35 8.51
N ILE F 60 27.74 -22.64 8.31
CA ILE F 60 28.43 -23.13 7.13
C ILE F 60 27.65 -24.30 6.56
N SER F 61 27.43 -24.30 5.25
CA SER F 61 26.66 -25.35 4.59
C SER F 61 27.37 -25.79 3.33
N TYR F 62 27.14 -27.05 2.94
CA TYR F 62 27.68 -27.59 1.70
C TYR F 62 26.61 -28.41 1.01
N THR F 63 26.77 -28.58 -0.29
CA THR F 63 25.94 -29.54 -1.01
C THR F 63 26.38 -30.95 -0.65
N GLY F 64 25.43 -31.89 -0.70
CA GLY F 64 25.72 -33.24 -0.25
C GLY F 64 26.79 -33.93 -1.07
N SER F 65 26.96 -33.52 -2.33
CA SER F 65 27.94 -34.16 -3.20
C SER F 65 29.36 -33.95 -2.69
N VAL F 66 29.66 -32.75 -2.17
CA VAL F 66 31.01 -32.41 -1.73
C VAL F 66 31.12 -32.33 -0.22
N LYS F 67 30.10 -32.78 0.51
CA LYS F 67 30.16 -32.75 1.97
C LYS F 67 31.24 -33.70 2.47
N GLY F 68 32.11 -33.18 3.33
CA GLY F 68 33.20 -33.94 3.89
C GLY F 68 34.48 -33.91 3.08
N ARG F 69 34.46 -33.35 1.88
CA ARG F 69 35.66 -33.23 1.06
C ARG F 69 36.14 -31.79 0.88
N PHE F 70 35.22 -30.82 0.83
CA PHE F 70 35.55 -29.42 0.65
C PHE F 70 35.31 -28.68 1.96
N THR F 71 36.19 -27.72 2.26
CA THR F 71 36.07 -26.90 3.45
C THR F 71 36.08 -25.43 3.04
N ILE F 72 35.05 -24.69 3.45
CA ILE F 72 34.94 -23.28 3.15
C ILE F 72 35.35 -22.49 4.37
N SER F 73 35.99 -21.34 4.14
CA SER F 73 36.39 -20.45 5.22
C SER F 73 36.60 -19.06 4.63
N ARG F 74 36.50 -18.06 5.49
CA ARG F 74 36.65 -16.67 5.08
C ARG F 74 37.54 -15.94 6.08
N ASP F 75 38.21 -14.90 5.59
CA ASP F 75 39.03 -14.02 6.42
C ASP F 75 38.54 -12.59 6.19
N ASN F 76 37.67 -12.11 7.08
CA ASN F 76 37.11 -10.77 6.92
C ASN F 76 38.16 -9.69 7.07
N ALA F 77 39.32 -10.00 7.66
CA ALA F 77 40.39 -9.01 7.75
C ALA F 77 41.07 -8.80 6.41
N LYS F 78 41.29 -9.87 5.66
CA LYS F 78 41.95 -9.80 4.36
C LYS F 78 40.97 -9.81 3.18
N ASN F 79 39.66 -9.84 3.45
CA ASN F 79 38.64 -9.84 2.40
C ASN F 79 38.87 -10.97 1.41
N THR F 80 39.19 -12.15 1.92
CA THR F 80 39.47 -13.31 1.09
C THR F 80 38.56 -14.47 1.50
N LEU F 81 38.10 -15.22 0.50
CA LEU F 81 37.26 -16.38 0.70
C LEU F 81 37.97 -17.61 0.19
N TYR F 82 37.90 -18.70 0.94
CA TYR F 82 38.66 -19.90 0.63
C TYR F 82 37.73 -21.09 0.44
N LEU F 83 38.24 -22.10 -0.26
CA LEU F 83 37.55 -23.39 -0.40
C LEU F 83 38.63 -24.47 -0.50
N GLN F 84 38.97 -25.07 0.64
CA GLN F 84 39.94 -26.14 0.66
C GLN F 84 39.34 -27.39 0.02
N MET F 85 40.10 -28.03 -0.86
CA MET F 85 39.63 -29.18 -1.62
C MET F 85 40.47 -30.39 -1.27
N ASN F 86 39.80 -31.50 -0.96
CA ASN F 86 40.47 -32.74 -0.61
C ASN F 86 39.84 -33.90 -1.39
N SER F 87 40.69 -34.75 -1.94
CA SER F 87 40.25 -35.97 -2.66
C SER F 87 39.31 -35.60 -3.81
N LEU F 88 39.86 -34.88 -4.78
CA LEU F 88 39.09 -34.49 -5.94
C LEU F 88 38.64 -35.70 -6.74
N LYS F 89 37.41 -35.65 -7.24
CA LYS F 89 36.81 -36.70 -8.03
C LYS F 89 36.73 -36.29 -9.50
N PRO F 90 36.65 -37.26 -10.41
CA PRO F 90 36.52 -36.90 -11.84
C PRO F 90 35.30 -36.06 -12.15
N GLU F 91 34.24 -36.17 -11.35
CA GLU F 91 33.02 -35.39 -11.56
C GLU F 91 33.11 -34.00 -10.95
N ASP F 92 34.21 -33.65 -10.28
CA ASP F 92 34.37 -32.36 -9.65
C ASP F 92 34.98 -31.32 -10.59
N THR F 93 35.32 -31.70 -11.82
CA THR F 93 35.90 -30.74 -12.75
C THR F 93 34.83 -29.76 -13.23
N ALA F 94 35.13 -28.47 -13.12
CA ALA F 94 34.20 -27.39 -13.43
C ALA F 94 34.94 -26.08 -13.28
N VAL F 95 34.26 -24.99 -13.64
CA VAL F 95 34.73 -23.63 -13.38
C VAL F 95 34.07 -23.16 -12.10
N TYR F 96 34.87 -22.72 -11.14
CA TYR F 96 34.38 -22.38 -9.80
C TYR F 96 34.26 -20.88 -9.66
N TYR F 97 33.05 -20.41 -9.39
CA TYR F 97 32.77 -18.99 -9.23
C TYR F 97 32.62 -18.66 -7.76
N CYS F 98 33.09 -17.48 -7.39
CA CYS F 98 32.91 -16.92 -6.05
C CYS F 98 31.77 -15.92 -6.11
N ALA F 99 30.65 -16.23 -5.47
CA ALA F 99 29.44 -15.45 -5.58
C ALA F 99 29.10 -14.79 -4.25
N ARG F 100 28.69 -13.53 -4.31
CA ARG F 100 28.35 -12.75 -3.14
C ARG F 100 26.83 -12.61 -3.02
N CYS F 101 26.36 -12.54 -1.79
CA CYS F 101 24.93 -12.39 -1.57
C CYS F 101 24.48 -11.00 -2.02
N PRO F 102 23.29 -10.90 -2.61
CA PRO F 102 22.86 -9.60 -3.18
C PRO F 102 22.82 -8.45 -2.19
N ALA F 103 22.44 -8.70 -0.94
CA ALA F 103 22.26 -7.64 0.04
C ALA F 103 23.00 -7.96 1.33
N PRO F 104 23.40 -6.96 2.09
CA PRO F 104 24.07 -7.19 3.37
C PRO F 104 23.06 -7.43 4.49
N PHE F 105 23.59 -7.86 5.63
CA PHE F 105 22.82 -8.09 6.85
C PHE F 105 21.65 -9.04 6.63
N THR F 106 21.76 -9.93 5.66
CA THR F 106 20.66 -10.82 5.30
C THR F 106 21.19 -12.24 5.16
N ARG F 107 20.31 -13.20 5.41
CA ARG F 107 20.69 -14.61 5.35
C ARG F 107 20.34 -15.26 4.01
N ASP F 108 19.22 -14.87 3.41
CA ASP F 108 18.82 -15.45 2.13
C ASP F 108 19.63 -14.84 0.99
N CYS F 109 19.92 -15.67 -0.02
CA CYS F 109 20.72 -15.23 -1.17
C CYS F 109 20.00 -15.68 -2.44
N PHE F 110 19.16 -14.80 -2.98
CA PHE F 110 18.54 -15.03 -4.28
C PHE F 110 19.54 -14.87 -5.41
N ASP F 111 19.26 -15.55 -6.52
CA ASP F 111 19.90 -15.34 -7.81
C ASP F 111 21.40 -15.61 -7.82
N VAL F 112 21.94 -16.22 -6.78
CA VAL F 112 23.38 -16.46 -6.72
C VAL F 112 23.83 -17.35 -7.86
N THR F 113 23.01 -18.35 -8.21
CA THR F 113 23.33 -19.27 -9.30
C THR F 113 22.66 -18.88 -10.61
N SER F 114 22.34 -17.60 -10.78
CA SER F 114 21.67 -17.15 -11.99
C SER F 114 22.64 -17.12 -13.18
N THR F 115 22.06 -17.04 -14.37
CA THR F 115 22.88 -17.03 -15.58
C THR F 115 23.77 -15.80 -15.65
N THR F 116 23.23 -14.63 -15.30
CA THR F 116 23.92 -13.35 -15.40
C THR F 116 23.86 -12.61 -14.09
N TYR F 117 24.22 -13.30 -13.00
CA TYR F 117 24.33 -12.65 -11.71
C TYR F 117 25.43 -11.60 -11.74
N ALA F 118 25.18 -10.46 -11.08
CA ALA F 118 26.07 -9.31 -11.18
C ALA F 118 27.19 -9.32 -10.17
N TYR F 119 27.04 -10.00 -9.04
CA TYR F 119 28.02 -10.00 -7.97
C TYR F 119 28.73 -11.35 -7.87
N ARG F 120 29.06 -11.92 -9.02
CA ARG F 120 29.82 -13.14 -9.12
C ARG F 120 31.16 -12.87 -9.80
N GLY F 121 32.12 -13.73 -9.53
CA GLY F 121 33.45 -13.58 -10.09
C GLY F 121 33.54 -14.08 -11.52
N GLN F 122 34.70 -13.86 -12.12
CA GLN F 122 34.96 -14.38 -13.46
C GLN F 122 35.08 -15.90 -13.43
N GLY F 123 35.66 -16.45 -12.38
CA GLY F 123 35.73 -17.88 -12.20
C GLY F 123 37.10 -18.44 -12.54
N THR F 124 37.44 -19.57 -11.90
CA THR F 124 38.68 -20.27 -12.16
C THR F 124 38.37 -21.71 -12.52
N GLN F 125 39.15 -22.27 -13.44
CA GLN F 125 38.88 -23.59 -13.99
C GLN F 125 39.65 -24.64 -13.19
N VAL F 126 38.91 -25.54 -12.56
CA VAL F 126 39.48 -26.67 -11.83
C VAL F 126 39.18 -27.93 -12.63
N THR F 127 40.23 -28.62 -13.07
CA THR F 127 40.08 -29.81 -13.90
C THR F 127 40.97 -30.92 -13.36
N VAL F 128 40.51 -32.15 -13.56
CA VAL F 128 41.25 -33.32 -13.13
C VAL F 128 41.52 -34.25 -14.30
C10 A1EL6 G . -26.01 -7.67 41.47
C11 A1EL6 G . -27.44 -7.89 41.98
C12 A1EL6 G . -25.20 -8.93 41.78
C13 A1EL6 G . -26.15 -7.60 39.96
C14 A1EL6 G . -25.29 -8.03 39.04
C15 A1EL6 G . -26.12 -5.49 43.18
C16 A1EL6 G . -26.09 -5.61 44.57
C18 A1EL6 G . -25.92 -7.85 45.27
C19 A1EL6 G . -26.84 -4.78 45.51
C20 A1EL6 G . -27.68 -3.75 44.97
C23 A1EL6 G . -29.45 -3.00 42.02
C24 A1EL6 G . -26.97 -4.45 42.72
C26 A1EL6 G . -28.37 -3.08 47.20
C27 A1EL6 G . -27.55 -4.08 47.74
C28 A1EL6 G . -26.79 -4.93 46.95
C02 A1EL6 G . -22.90 -6.14 41.97
C03 A1EL6 G . -21.48 -6.21 42.43
C04 A1EL6 G . -20.38 -5.63 41.81
C05 A1EL6 G . -19.21 -5.94 42.58
C06 A1EL6 G . -19.69 -6.69 43.63
C09 A1EL6 G . -25.33 -6.33 42.09
C21 A1EL6 G . -27.70 -3.63 43.56
C25 A1EL6 G . -28.46 -2.88 45.85
N29 A1EL6 G . -26.02 -5.88 47.71
N31 A1EL6 G . -29.28 -1.87 45.29
O01 A1EL6 G . -23.09 -5.52 40.93
O07 A1EL6 G . -21.05 -6.85 43.55
O08 A1EL6 G . -24.00 -6.68 42.57
O17 A1EL6 G . -25.30 -6.58 45.13
O22 A1EL6 G . -28.50 -2.66 42.99
O30 A1EL6 G . -24.68 -5.88 47.72
O32 A1EL6 G . -29.14 -0.59 45.74
#